data_5O8R
#
_entry.id   5O8R
#
_cell.length_a   163.937
_cell.length_b   163.937
_cell.length_c   166.730
_cell.angle_alpha   90.00
_cell.angle_beta   90.00
_cell.angle_gamma   90.00
#
_symmetry.space_group_name_H-M   'P 41 21 2'
#
loop_
_entity.id
_entity.type
_entity.pdbx_description
1 polymer 'L-lysine 6-monooxygenase involved in desferrioxamine biosynthesis'
2 non-polymer 'FLAVIN-ADENINE DINUCLEOTIDE'
3 non-polymer 'NADP NICOTINAMIDE-ADENINE-DINUCLEOTIDE PHOSPHATE'
4 water water
#
_entity_poly.entity_id   1
_entity_poly.type   'polypeptide(L)'
_entity_poly.pdbx_seq_one_letter_code
;GAMANNTIYDFIGIGIGPFNLGLACLSEPVEGLNGVFLDQNPGFDWHTGMMLESAHLQTPFMADLVTLADPTSPYSLLNF
MKQKGKLYSFYIREDFFLMRKEYNQYCQWAAERLGNLRWNTRVEYVSYDDNLQCYRVRSTDTVSGKQQEWLAHRLVLGTG
PSAWSPACSQPYRERFVHSSEYLLNKEKLQKKRSITVLGSGQSAAEIYYDLLTDIDRFGYQLNWITRAPRFYPLEYTKLT
LEMTSPEWIDYFHSLPAAKRDELNASQKNLYKGINSSLINAIYDLLYVKQLDGKLDVNLFTHSELTDMRWLAEGEFELKL
HQQEQDRAYSRRTEGLVMATGYHYQPPAFVEGIQQRIQWDEKDRYDVQRNYSIDRHNQVFVQNAELHTHGFVTPDLGMAC
YRNSVLLREITGREVYPVERQIAFQTFPAQSEM
;
_entity_poly.pdbx_strand_id   A,B
#
loop_
_chem_comp.id
_chem_comp.type
_chem_comp.name
_chem_comp.formula
FAD non-polymer 'FLAVIN-ADENINE DINUCLEOTIDE' 'C27 H33 N9 O15 P2'
NAP non-polymer 'NADP NICOTINAMIDE-ADENINE-DINUCLEOTIDE PHOSPHATE' 'C21 H28 N7 O17 P3'
#
# COMPACT_ATOMS: atom_id res chain seq x y z
N ASN A 6 17.39 2.25 -31.31
CA ASN A 6 16.10 2.31 -32.09
C ASN A 6 15.81 3.79 -32.48
N THR A 7 14.55 4.07 -32.85
CA THR A 7 14.11 5.37 -33.36
C THR A 7 13.94 6.46 -32.25
N ILE A 8 14.26 7.69 -32.59
CA ILE A 8 14.18 8.79 -31.68
C ILE A 8 12.89 9.57 -31.96
N TYR A 9 12.05 9.69 -30.93
CA TYR A 9 10.75 10.33 -31.06
C TYR A 9 10.92 11.83 -31.13
N ASP A 10 9.96 12.49 -31.77
CA ASP A 10 10.00 13.95 -31.90
C ASP A 10 9.73 14.60 -30.56
N PHE A 11 8.76 14.02 -29.87
CA PHE A 11 8.50 14.30 -28.46
C PHE A 11 7.97 13.02 -27.83
N ILE A 12 8.27 12.88 -26.55
CA ILE A 12 7.57 11.94 -25.66
C ILE A 12 6.87 12.77 -24.60
N GLY A 13 5.64 12.37 -24.31
CA GLY A 13 4.89 12.97 -23.25
C GLY A 13 4.82 11.99 -22.10
N ILE A 14 5.17 12.52 -20.92
CA ILE A 14 5.21 11.73 -19.72
C ILE A 14 4.09 12.21 -18.83
N GLY A 15 3.15 11.31 -18.58
CA GLY A 15 1.93 11.65 -17.84
C GLY A 15 0.78 11.87 -18.78
N ILE A 16 -0.29 11.12 -18.59
CA ILE A 16 -1.45 11.27 -19.43
C ILE A 16 -2.61 11.77 -18.57
N GLY A 17 -2.45 13.01 -18.13
CA GLY A 17 -3.56 13.75 -17.57
C GLY A 17 -4.39 14.29 -18.71
N PRO A 18 -5.36 15.16 -18.43
CA PRO A 18 -6.12 15.81 -19.47
C PRO A 18 -5.29 16.64 -20.39
N PHE A 19 -4.40 17.41 -19.84
CA PHE A 19 -3.53 18.16 -20.68
C PHE A 19 -2.71 17.35 -21.69
N ASN A 20 -1.99 16.30 -21.29
CA ASN A 20 -1.31 15.47 -22.30
C ASN A 20 -2.34 14.63 -23.09
N LEU A 21 -3.42 14.18 -22.47
CA LEU A 21 -4.39 13.38 -23.23
C LEU A 21 -4.84 14.25 -24.38
N GLY A 22 -4.85 15.57 -24.17
CA GLY A 22 -5.30 16.50 -25.22
C GLY A 22 -4.28 16.55 -26.34
N LEU A 23 -3.08 16.93 -25.96
CA LEU A 23 -1.93 16.92 -26.85
C LEU A 23 -1.78 15.63 -27.60
N ALA A 24 -2.04 14.47 -26.97
CA ALA A 24 -2.16 13.23 -27.72
C ALA A 24 -3.17 13.30 -28.81
N CYS A 25 -4.37 13.74 -28.51
CA CYS A 25 -5.43 13.71 -29.56
C CYS A 25 -5.16 14.75 -30.64
N LEU A 26 -4.53 15.85 -30.27
CA LEU A 26 -4.21 16.82 -31.27
C LEU A 26 -3.01 16.41 -32.10
N SER A 27 -2.12 15.59 -31.53
CA SER A 27 -0.87 15.17 -32.16
C SER A 27 -1.08 14.08 -33.11
N GLU A 28 -2.05 13.24 -32.83
CA GLU A 28 -2.11 11.97 -33.50
C GLU A 28 -2.10 12.09 -35.01
N PRO A 29 -2.98 12.91 -35.58
CA PRO A 29 -3.17 12.88 -37.01
C PRO A 29 -2.23 13.86 -37.77
N VAL A 30 -1.36 14.55 -37.04
CA VAL A 30 -0.38 15.44 -37.63
C VAL A 30 0.61 14.64 -38.42
N GLU A 31 0.75 14.97 -39.71
CA GLU A 31 1.62 14.21 -40.60
C GLU A 31 3.09 14.42 -40.23
N GLY A 32 3.82 13.31 -40.15
CA GLY A 32 5.25 13.36 -39.86
C GLY A 32 5.62 13.75 -38.47
N LEU A 33 4.69 13.56 -37.56
CA LEU A 33 4.93 13.79 -36.16
C LEU A 33 4.89 12.44 -35.57
N ASN A 34 5.98 12.11 -34.91
CA ASN A 34 6.15 10.78 -34.37
C ASN A 34 6.52 10.99 -32.94
N GLY A 35 5.50 10.72 -32.13
CA GLY A 35 5.50 10.94 -30.70
C GLY A 35 4.57 9.98 -29.96
N VAL A 36 4.82 9.89 -28.66
CA VAL A 36 4.25 8.85 -27.86
C VAL A 36 4.15 9.33 -26.40
N PHE A 37 3.19 8.74 -25.68
CA PHE A 37 2.82 9.19 -24.31
C PHE A 37 2.88 8.08 -23.31
N LEU A 38 3.55 8.32 -22.20
CA LEU A 38 3.72 7.25 -21.24
C LEU A 38 3.06 7.60 -19.92
N ASP A 39 2.39 6.61 -19.31
CA ASP A 39 1.81 6.77 -17.97
C ASP A 39 1.83 5.45 -17.17
N GLN A 40 1.98 5.59 -15.86
CA GLN A 40 2.02 4.45 -14.94
C GLN A 40 0.74 3.69 -14.87
N ASN A 41 -0.34 4.48 -14.82
CA ASN A 41 -1.62 3.94 -14.40
C ASN A 41 -2.02 3.01 -15.47
N PRO A 42 -2.90 2.10 -15.15
CA PRO A 42 -3.23 1.11 -16.18
C PRO A 42 -4.20 1.61 -17.19
N GLY A 43 -4.87 2.73 -16.91
CA GLY A 43 -5.72 3.42 -17.88
C GLY A 43 -5.97 4.84 -17.40
N PHE A 44 -6.90 5.54 -18.03
CA PHE A 44 -7.19 6.91 -17.58
C PHE A 44 -8.06 6.83 -16.32
N ASP A 45 -7.66 7.58 -15.29
CA ASP A 45 -8.58 7.96 -14.18
C ASP A 45 -8.18 9.34 -13.70
N TRP A 46 -9.14 10.08 -13.16
CA TRP A 46 -8.89 11.47 -12.79
C TRP A 46 -9.62 11.79 -11.52
N HIS A 47 -9.01 11.53 -10.37
N HIS A 47 -8.90 11.60 -10.40
CA HIS A 47 -9.51 12.06 -9.13
CA HIS A 47 -9.32 11.93 -9.02
C HIS A 47 -10.76 11.33 -8.64
C HIS A 47 -10.71 11.33 -8.71
N THR A 48 -10.82 10.00 -8.81
CA THR A 48 -12.09 9.23 -8.55
C THR A 48 -12.71 9.34 -7.08
N GLY A 49 -11.95 9.90 -6.13
CA GLY A 49 -12.34 10.00 -4.69
C GLY A 49 -12.80 11.34 -4.10
N MET A 50 -12.92 12.37 -4.95
CA MET A 50 -13.70 13.63 -4.69
C MET A 50 -14.92 13.79 -5.67
N MET A 51 -15.09 12.79 -6.54
CA MET A 51 -16.05 12.77 -7.65
C MET A 51 -17.41 12.29 -7.20
N LEU A 52 -18.22 13.28 -6.78
CA LEU A 52 -19.57 13.11 -6.22
C LEU A 52 -20.64 13.04 -7.30
N GLU A 53 -21.70 12.25 -7.12
CA GLU A 53 -22.76 12.12 -8.19
C GLU A 53 -23.16 13.44 -8.87
N SER A 54 -23.13 14.51 -8.08
CA SER A 54 -23.60 15.82 -8.47
C SER A 54 -22.51 16.69 -9.12
N ALA A 55 -21.24 16.40 -8.90
CA ALA A 55 -20.16 17.30 -9.35
C ALA A 55 -20.13 17.55 -10.84
N HIS A 56 -19.62 18.69 -11.21
CA HIS A 56 -19.42 18.94 -12.63
C HIS A 56 -18.43 20.03 -12.94
N LEU A 57 -18.00 20.08 -14.19
CA LEU A 57 -16.94 20.99 -14.54
C LEU A 57 -17.42 22.40 -14.55
N GLN A 58 -16.47 23.28 -14.34
CA GLN A 58 -16.75 24.69 -14.22
C GLN A 58 -16.54 25.39 -15.54
N THR A 59 -16.26 24.62 -16.59
CA THR A 59 -16.05 25.11 -17.94
C THR A 59 -17.03 24.44 -18.88
N PRO A 60 -17.40 25.16 -19.94
CA PRO A 60 -18.27 24.57 -20.94
C PRO A 60 -17.60 23.39 -21.62
N PHE A 61 -18.39 22.63 -22.34
CA PHE A 61 -17.93 21.40 -22.91
C PHE A 61 -16.99 21.56 -24.10
N MET A 62 -17.09 22.67 -24.82
CA MET A 62 -16.09 23.10 -25.81
C MET A 62 -14.65 23.16 -25.32
N ALA A 63 -14.45 23.14 -24.03
CA ALA A 63 -13.13 22.96 -23.47
C ALA A 63 -12.94 21.48 -23.16
N ASP A 64 -13.08 20.72 -24.22
CA ASP A 64 -12.83 19.30 -24.24
C ASP A 64 -11.41 19.10 -24.76
N LEU A 65 -11.07 17.93 -25.25
CA LEU A 65 -9.68 17.65 -25.52
C LEU A 65 -9.03 18.39 -26.71
N VAL A 66 -9.89 18.70 -27.67
CA VAL A 66 -9.54 19.16 -28.99
C VAL A 66 -10.34 20.36 -29.54
N THR A 67 -11.64 20.47 -29.23
CA THR A 67 -12.55 21.42 -29.95
C THR A 67 -12.07 22.91 -30.04
N LEU A 68 -11.37 23.44 -29.03
CA LEU A 68 -10.95 24.85 -29.14
C LEU A 68 -9.77 25.03 -30.06
N ALA A 69 -9.20 23.93 -30.52
CA ALA A 69 -8.16 23.96 -31.54
C ALA A 69 -8.67 23.36 -32.80
N ASP A 70 -9.58 22.39 -32.72
CA ASP A 70 -10.04 21.75 -33.94
C ASP A 70 -11.38 21.08 -33.82
N PRO A 71 -12.39 21.83 -34.03
CA PRO A 71 -13.70 21.25 -33.83
C PRO A 71 -14.06 20.03 -34.65
N THR A 72 -13.22 19.67 -35.60
CA THR A 72 -13.57 18.59 -36.53
C THR A 72 -12.97 17.29 -36.05
N SER A 73 -12.03 17.38 -35.09
CA SER A 73 -11.36 16.21 -34.54
C SER A 73 -12.31 15.12 -34.15
N PRO A 74 -11.98 13.90 -34.48
CA PRO A 74 -12.91 12.91 -33.92
C PRO A 74 -12.86 12.74 -32.36
N TYR A 75 -11.92 13.35 -31.66
CA TYR A 75 -11.87 13.26 -30.21
C TYR A 75 -12.73 14.28 -29.48
N SER A 76 -13.57 15.00 -30.21
CA SER A 76 -14.43 16.02 -29.60
C SER A 76 -15.47 15.34 -28.74
N LEU A 77 -15.88 16.05 -27.71
CA LEU A 77 -16.93 15.57 -26.87
C LEU A 77 -18.23 15.31 -27.64
N LEU A 78 -18.55 16.22 -28.54
CA LEU A 78 -19.78 16.09 -29.23
C LEU A 78 -19.78 14.78 -30.01
N ASN A 79 -18.61 14.41 -30.48
CA ASN A 79 -18.49 13.21 -31.32
C ASN A 79 -18.57 11.96 -30.45
N PHE A 80 -17.95 12.05 -29.29
CA PHE A 80 -18.06 11.00 -28.26
C PHE A 80 -19.52 10.72 -27.97
N MET A 81 -20.27 11.79 -27.90
CA MET A 81 -21.64 11.68 -27.47
C MET A 81 -22.39 11.00 -28.60
N LYS A 82 -21.99 11.29 -29.82
CA LYS A 82 -22.64 10.75 -31.02
C LYS A 82 -22.37 9.25 -31.16
N GLN A 83 -21.08 8.93 -31.02
CA GLN A 83 -20.61 7.56 -31.08
C GLN A 83 -21.24 6.71 -29.97
N LYS A 84 -21.51 7.28 -28.81
CA LYS A 84 -22.10 6.54 -27.72
C LYS A 84 -23.57 6.38 -27.86
N GLY A 85 -24.19 7.05 -28.81
CA GLY A 85 -25.60 6.86 -29.10
C GLY A 85 -26.54 7.81 -28.45
N LYS A 86 -26.02 8.90 -27.92
CA LYS A 86 -26.79 9.75 -27.03
C LYS A 86 -26.73 11.27 -27.21
N LEU A 87 -26.34 11.74 -28.37
CA LEU A 87 -26.20 13.17 -28.56
C LEU A 87 -27.55 13.84 -28.50
N TYR A 88 -28.65 13.15 -28.84
CA TYR A 88 -29.96 13.84 -28.79
C TYR A 88 -30.31 14.08 -27.35
N SER A 89 -29.94 13.16 -26.48
CA SER A 89 -30.20 13.33 -25.08
C SER A 89 -29.42 14.49 -24.52
N PHE A 90 -28.14 14.55 -24.89
CA PHE A 90 -27.32 15.69 -24.52
C PHE A 90 -27.87 17.00 -25.12
N TYR A 91 -28.41 16.97 -26.35
CA TYR A 91 -29.02 18.16 -26.92
C TYR A 91 -30.22 18.57 -26.08
N ILE A 92 -30.91 17.60 -25.49
CA ILE A 92 -32.06 17.92 -24.66
C ILE A 92 -31.65 18.46 -23.30
N ARG A 93 -30.74 17.76 -22.65
N ARG A 93 -30.68 17.80 -22.64
CA ARG A 93 -30.03 18.28 -21.50
CA ARG A 93 -30.02 18.35 -21.41
C ARG A 93 -29.70 19.76 -21.67
C ARG A 93 -29.70 19.81 -21.65
N GLU A 94 -29.18 20.18 -22.81
CA GLU A 94 -28.80 21.61 -23.04
C GLU A 94 -27.94 22.17 -21.85
N ASP A 95 -26.80 21.56 -21.55
CA ASP A 95 -26.05 22.04 -20.45
C ASP A 95 -24.52 22.12 -20.72
N PHE A 96 -24.06 23.35 -20.81
CA PHE A 96 -22.67 23.55 -21.10
C PHE A 96 -21.68 22.79 -20.19
N PHE A 97 -22.11 22.49 -18.99
CA PHE A 97 -21.28 21.84 -18.03
C PHE A 97 -21.47 20.35 -17.85
N LEU A 98 -20.42 19.63 -18.18
CA LEU A 98 -20.42 18.17 -18.07
C LEU A 98 -20.28 17.70 -16.63
N MET A 99 -20.96 16.60 -16.34
CA MET A 99 -20.84 15.99 -15.04
C MET A 99 -19.42 15.44 -15.04
N ARG A 100 -18.72 15.57 -13.91
CA ARG A 100 -17.37 15.05 -13.78
C ARG A 100 -17.31 13.58 -14.11
N LYS A 101 -18.34 12.82 -13.86
CA LYS A 101 -18.26 11.43 -14.25
C LYS A 101 -18.28 11.26 -15.76
N GLU A 102 -18.93 12.17 -16.47
CA GLU A 102 -19.03 11.97 -17.89
C GLU A 102 -17.73 12.45 -18.49
N TYR A 103 -17.12 13.49 -17.95
CA TYR A 103 -15.86 13.93 -18.50
C TYR A 103 -14.91 12.77 -18.41
N ASN A 104 -15.02 12.08 -17.29
CA ASN A 104 -14.17 10.95 -17.10
C ASN A 104 -14.45 9.88 -18.14
N GLN A 105 -15.68 9.49 -18.37
CA GLN A 105 -15.92 8.48 -19.38
C GLN A 105 -15.47 8.88 -20.79
N TYR A 106 -15.80 10.10 -21.17
CA TYR A 106 -15.26 10.71 -22.36
C TYR A 106 -13.70 10.58 -22.45
N CYS A 107 -12.95 11.10 -21.47
CA CYS A 107 -11.52 10.98 -21.62
C CYS A 107 -11.07 9.53 -21.80
N GLN A 108 -11.78 8.60 -21.14
CA GLN A 108 -11.38 7.20 -21.16
C GLN A 108 -11.65 6.68 -22.54
N TRP A 109 -12.75 7.11 -23.14
CA TRP A 109 -13.08 6.68 -24.50
C TRP A 109 -12.10 7.25 -25.48
N ALA A 110 -11.72 8.51 -25.30
CA ALA A 110 -10.66 9.06 -26.15
C ALA A 110 -9.40 8.24 -26.02
N ALA A 111 -9.00 7.90 -24.81
CA ALA A 111 -7.71 7.22 -24.59
C ALA A 111 -7.68 5.78 -25.12
N GLU A 112 -8.83 5.14 -25.05
CA GLU A 112 -9.00 3.79 -25.58
C GLU A 112 -8.89 3.82 -27.13
N ARG A 113 -9.33 4.92 -27.74
CA ARG A 113 -9.36 5.10 -29.21
C ARG A 113 -7.99 5.59 -29.77
N LEU A 114 -7.21 6.30 -28.98
CA LEU A 114 -5.91 6.70 -29.42
C LEU A 114 -4.95 5.51 -29.60
N GLY A 115 -3.93 5.72 -30.40
CA GLY A 115 -2.87 4.75 -30.56
C GLY A 115 -1.53 5.19 -29.98
N ASN A 116 -1.37 6.41 -29.55
CA ASN A 116 -0.06 6.90 -29.18
C ASN A 116 0.18 6.95 -27.69
N LEU A 117 -0.60 6.19 -26.92
CA LEU A 117 -0.37 6.21 -25.48
C LEU A 117 0.12 4.86 -25.01
N ARG A 118 1.06 4.86 -24.07
CA ARG A 118 1.55 3.64 -23.48
C ARG A 118 1.24 3.68 -22.00
N TRP A 119 0.25 2.88 -21.65
CA TRP A 119 -0.16 2.77 -20.27
C TRP A 119 0.73 1.78 -19.53
N ASN A 120 0.61 1.74 -18.20
CA ASN A 120 1.43 0.82 -17.39
C ASN A 120 2.90 1.03 -17.71
N THR A 121 3.36 2.27 -17.73
CA THR A 121 4.71 2.54 -18.14
C THR A 121 5.30 3.59 -17.23
N ARG A 122 5.76 3.14 -16.06
CA ARG A 122 6.26 4.09 -15.03
C ARG A 122 7.59 4.62 -15.49
N VAL A 123 7.76 5.91 -15.43
CA VAL A 123 9.00 6.50 -15.86
C VAL A 123 9.89 6.65 -14.63
N GLU A 124 11.00 5.92 -14.62
CA GLU A 124 11.94 5.91 -13.50
C GLU A 124 12.99 7.00 -13.59
N TYR A 125 13.56 7.19 -14.76
CA TYR A 125 14.66 8.14 -14.86
C TYR A 125 14.76 8.71 -16.24
N VAL A 126 15.17 9.97 -16.29
CA VAL A 126 15.36 10.69 -17.54
C VAL A 126 16.66 11.44 -17.57
N SER A 127 17.39 11.31 -18.68
CA SER A 127 18.74 11.82 -18.79
C SER A 127 18.94 12.36 -20.18
N TYR A 128 19.93 13.23 -20.35
CA TYR A 128 20.36 13.61 -21.71
C TYR A 128 21.58 12.80 -22.16
N ASP A 129 21.44 12.08 -23.27
CA ASP A 129 22.51 11.27 -23.84
C ASP A 129 23.33 12.15 -24.78
N ASP A 130 24.42 12.74 -24.26
CA ASP A 130 25.30 13.70 -24.97
C ASP A 130 25.76 13.19 -26.33
N ASN A 131 26.25 11.96 -26.26
CA ASN A 131 26.71 11.17 -27.39
C ASN A 131 25.67 10.99 -28.53
N LEU A 132 24.39 10.93 -28.20
CA LEU A 132 23.33 10.85 -29.22
C LEU A 132 22.56 12.17 -29.47
N GLN A 133 22.78 13.16 -28.60
CA GLN A 133 22.12 14.48 -28.63
C GLN A 133 20.55 14.46 -28.64
N CYS A 134 20.04 13.74 -27.68
CA CYS A 134 18.62 13.57 -27.51
C CYS A 134 18.41 13.14 -26.05
N TYR A 135 17.16 13.07 -25.59
CA TYR A 135 16.85 12.64 -24.22
C TYR A 135 16.56 11.14 -24.16
N ARG A 136 16.91 10.58 -22.99
CA ARG A 136 16.85 9.12 -22.73
C ARG A 136 15.95 8.92 -21.55
N VAL A 137 14.88 8.14 -21.76
CA VAL A 137 13.82 7.98 -20.77
C VAL A 137 13.71 6.53 -20.35
N ARG A 138 13.91 6.28 -19.06
CA ARG A 138 13.91 4.94 -18.54
C ARG A 138 12.60 4.63 -17.83
N SER A 139 11.96 3.56 -18.30
CA SER A 139 10.61 3.17 -17.95
C SER A 139 10.54 1.72 -17.40
N THR A 140 9.61 1.45 -16.50
CA THR A 140 9.30 0.09 -16.13
C THR A 140 7.95 -0.26 -16.62
N ASP A 141 7.80 -1.36 -17.36
CA ASP A 141 6.46 -1.87 -17.67
C ASP A 141 5.94 -2.44 -16.37
N THR A 142 4.86 -1.89 -15.84
CA THR A 142 4.37 -2.31 -14.54
C THR A 142 3.69 -3.67 -14.50
N VAL A 143 3.39 -4.28 -15.65
CA VAL A 143 2.68 -5.59 -15.65
C VAL A 143 3.53 -6.78 -16.01
N SER A 144 4.63 -6.53 -16.71
CA SER A 144 5.67 -7.50 -17.01
C SER A 144 6.87 -7.33 -16.06
N GLY A 145 7.14 -6.11 -15.61
CA GLY A 145 8.36 -5.80 -14.87
C GLY A 145 9.48 -5.26 -15.73
N LYS A 146 9.45 -5.58 -17.05
CA LYS A 146 10.47 -5.22 -18.05
C LYS A 146 10.95 -3.78 -18.00
N GLN A 147 12.25 -3.53 -17.82
CA GLN A 147 12.85 -2.19 -18.06
C GLN A 147 12.94 -1.92 -19.55
N GLN A 148 12.94 -0.65 -19.92
CA GLN A 148 12.87 -0.22 -21.33
C GLN A 148 13.32 1.23 -21.43
N GLU A 149 13.89 1.60 -22.58
CA GLU A 149 14.46 2.96 -22.77
C GLU A 149 13.93 3.56 -24.08
N TRP A 150 13.59 4.85 -24.00
CA TRP A 150 12.86 5.51 -25.06
C TRP A 150 13.72 6.66 -25.42
N LEU A 151 13.81 6.99 -26.71
CA LEU A 151 14.60 8.17 -27.09
C LEU A 151 13.75 9.28 -27.61
N ALA A 152 14.11 10.51 -27.24
CA ALA A 152 13.32 11.65 -27.68
C ALA A 152 14.09 12.93 -27.76
N HIS A 153 13.84 13.67 -28.85
CA HIS A 153 14.46 14.98 -29.02
C HIS A 153 13.89 15.94 -28.04
N ARG A 154 12.60 15.73 -27.76
CA ARG A 154 11.79 16.55 -26.88
C ARG A 154 10.85 15.84 -25.92
N LEU A 155 10.67 16.50 -24.79
CA LEU A 155 9.84 15.98 -23.73
C LEU A 155 8.79 17.00 -23.37
N VAL A 156 7.57 16.52 -23.23
CA VAL A 156 6.53 17.35 -22.68
C VAL A 156 5.98 16.67 -21.42
N LEU A 157 6.18 17.33 -20.29
CA LEU A 157 5.81 16.75 -19.00
C LEU A 157 4.46 17.26 -18.44
N GLY A 158 3.48 16.36 -18.34
CA GLY A 158 2.19 16.69 -17.71
C GLY A 158 1.90 15.64 -16.67
N THR A 159 2.74 15.66 -15.65
CA THR A 159 2.74 14.64 -14.63
C THR A 159 1.63 14.91 -13.65
N GLY A 160 1.32 16.19 -13.50
CA GLY A 160 0.23 16.58 -12.65
C GLY A 160 0.66 16.76 -11.20
N PRO A 161 -0.08 17.62 -10.48
CA PRO A 161 0.26 18.01 -9.15
C PRO A 161 -0.30 16.99 -8.22
N SER A 162 0.01 17.16 -6.94
CA SER A 162 -0.43 16.16 -5.97
C SER A 162 -0.98 16.76 -4.69
N ALA A 163 -1.74 15.89 -3.99
CA ALA A 163 -2.59 16.25 -2.88
C ALA A 163 -1.76 16.89 -1.79
N TRP A 164 -2.20 18.02 -1.24
CA TRP A 164 -1.42 18.82 -0.31
C TRP A 164 -2.20 19.28 0.93
N SER A 165 -1.48 19.33 2.08
CA SER A 165 -2.00 19.74 3.39
C SER A 165 -1.03 20.69 4.01
N PRO A 166 -1.47 21.55 4.93
CA PRO A 166 -0.49 22.51 5.50
C PRO A 166 0.55 21.77 6.26
N ALA A 167 1.77 22.28 6.24
CA ALA A 167 2.93 21.66 6.87
C ALA A 167 2.61 21.14 8.27
N CYS A 168 2.05 22.05 9.07
CA CYS A 168 1.70 21.76 10.43
C CYS A 168 0.82 20.48 10.64
N SER A 169 0.36 19.83 9.59
CA SER A 169 -0.52 18.69 9.70
C SER A 169 0.11 17.30 9.48
N GLN A 170 1.36 17.29 9.00
CA GLN A 170 2.05 16.04 8.57
C GLN A 170 1.88 14.88 9.58
N PRO A 171 2.10 15.14 10.90
CA PRO A 171 1.85 14.19 11.99
C PRO A 171 0.44 13.58 12.12
N TYR A 172 -0.57 14.27 11.68
CA TYR A 172 -1.89 13.75 11.87
C TYR A 172 -2.46 13.21 10.58
N ARG A 173 -1.64 13.13 9.54
CA ARG A 173 -2.10 12.66 8.23
C ARG A 173 -2.77 11.28 8.27
N GLU A 174 -2.65 10.56 9.37
CA GLU A 174 -3.13 9.20 9.51
C GLU A 174 -4.63 9.27 9.81
N ARG A 175 -5.07 10.41 10.33
CA ARG A 175 -6.37 10.55 10.98
C ARG A 175 -7.30 11.46 10.19
N PHE A 176 -6.83 12.67 9.88
CA PHE A 176 -7.57 13.56 9.00
C PHE A 176 -7.57 13.03 7.60
N VAL A 177 -8.54 13.44 6.78
CA VAL A 177 -8.69 12.94 5.42
C VAL A 177 -8.65 14.10 4.45
N HIS A 178 -7.72 14.05 3.50
CA HIS A 178 -7.64 15.08 2.47
C HIS A 178 -8.80 14.90 1.52
N SER A 179 -9.11 15.94 0.79
CA SER A 179 -10.35 15.96 0.05
C SER A 179 -10.36 14.83 -0.94
N SER A 180 -9.18 14.49 -1.48
CA SER A 180 -9.03 13.35 -2.40
C SER A 180 -9.46 12.04 -1.82
N GLU A 181 -9.43 11.91 -0.51
CA GLU A 181 -9.76 10.64 0.14
C GLU A 181 -11.20 10.62 0.65
N TYR A 182 -11.98 11.66 0.38
CA TYR A 182 -13.26 11.85 1.02
C TYR A 182 -14.29 10.77 0.79
N LEU A 183 -14.54 10.36 -0.44
CA LEU A 183 -15.67 9.46 -0.61
C LEU A 183 -15.43 8.20 0.12
N LEU A 184 -14.18 7.78 0.06
CA LEU A 184 -13.77 6.57 0.74
C LEU A 184 -13.93 6.67 2.24
N ASN A 185 -13.84 7.83 2.87
CA ASN A 185 -14.16 7.95 4.30
C ASN A 185 -15.46 8.67 4.61
N LYS A 186 -16.32 8.94 3.64
CA LYS A 186 -17.58 9.59 3.98
C LYS A 186 -18.31 8.83 5.08
N GLU A 187 -18.52 7.53 4.85
CA GLU A 187 -19.24 6.70 5.81
C GLU A 187 -18.58 6.79 7.19
N LYS A 188 -17.27 6.75 7.21
CA LYS A 188 -16.52 6.93 8.46
C LYS A 188 -16.77 8.27 9.15
N LEU A 189 -16.69 9.35 8.38
CA LEU A 189 -16.80 10.69 8.95
C LEU A 189 -18.22 10.98 9.40
N GLN A 190 -19.22 10.42 8.71
CA GLN A 190 -20.61 10.70 9.09
C GLN A 190 -20.98 10.09 10.46
N LYS A 191 -20.17 9.13 10.91
CA LYS A 191 -20.34 8.56 12.23
C LYS A 191 -19.84 9.44 13.33
N LYS A 192 -19.01 10.43 13.03
CA LYS A 192 -18.47 11.27 14.11
C LYS A 192 -19.51 12.29 14.64
N ARG A 193 -19.21 12.83 15.79
CA ARG A 193 -20.03 13.81 16.44
C ARG A 193 -20.00 15.10 15.67
N SER A 194 -18.88 15.34 14.97
CA SER A 194 -18.53 16.65 14.50
C SER A 194 -17.50 16.55 13.33
N ILE A 195 -17.71 17.31 12.26
CA ILE A 195 -16.82 17.30 11.09
C ILE A 195 -16.50 18.72 10.75
N THR A 196 -15.32 18.98 10.25
CA THR A 196 -14.93 20.32 9.94
C THR A 196 -14.27 20.26 8.61
N VAL A 197 -14.42 21.29 7.81
CA VAL A 197 -13.95 21.26 6.45
C VAL A 197 -13.10 22.44 6.32
N LEU A 198 -11.84 22.21 5.99
CA LEU A 198 -10.83 23.24 6.09
C LEU A 198 -10.33 23.60 4.71
N GLY A 199 -10.46 24.87 4.33
CA GLY A 199 -10.21 25.33 2.94
C GLY A 199 -11.53 25.75 2.28
N SER A 200 -11.49 26.74 1.39
CA SER A 200 -12.73 27.27 0.76
C SER A 200 -12.69 27.35 -0.75
N GLY A 201 -11.89 26.50 -1.36
CA GLY A 201 -12.04 26.27 -2.75
C GLY A 201 -13.27 25.44 -3.11
N GLN A 202 -13.36 25.09 -4.39
CA GLN A 202 -14.46 24.39 -4.94
C GLN A 202 -14.55 23.04 -4.32
N SER A 203 -13.43 22.38 -4.10
CA SER A 203 -13.45 21.02 -3.50
C SER A 203 -14.16 20.96 -2.16
N ALA A 204 -13.75 21.89 -1.31
CA ALA A 204 -14.34 22.12 -0.01
C ALA A 204 -15.88 22.30 -0.06
N ALA A 205 -16.31 23.16 -0.97
CA ALA A 205 -17.70 23.52 -1.08
C ALA A 205 -18.51 22.32 -1.58
N GLU A 206 -17.99 21.57 -2.55
CA GLU A 206 -18.74 20.41 -3.07
C GLU A 206 -19.00 19.44 -1.90
N ILE A 207 -17.96 19.35 -1.05
CA ILE A 207 -17.96 18.47 0.07
C ILE A 207 -18.85 19.01 1.15
N TYR A 208 -18.62 20.27 1.53
CA TYR A 208 -19.44 20.88 2.56
C TYR A 208 -20.93 20.74 2.23
N TYR A 209 -21.28 20.94 0.97
CA TYR A 209 -22.65 20.75 0.57
C TYR A 209 -23.07 19.31 0.78
N ASP A 210 -22.29 18.37 0.30
CA ASP A 210 -22.59 16.93 0.45
C ASP A 210 -22.85 16.54 1.86
N LEU A 211 -22.01 16.99 2.77
CA LEU A 211 -22.21 16.63 4.15
C LEU A 211 -23.46 17.32 4.78
N LEU A 212 -23.69 18.60 4.45
CA LEU A 212 -24.83 19.37 5.01
C LEU A 212 -26.16 18.71 4.70
N THR A 213 -26.25 18.25 3.48
CA THR A 213 -27.30 17.38 3.06
C THR A 213 -27.72 16.32 4.07
N ASP A 214 -26.78 15.74 4.78
CA ASP A 214 -27.13 14.61 5.64
C ASP A 214 -27.06 15.04 7.09
N ILE A 215 -27.13 16.32 7.38
CA ILE A 215 -26.78 16.80 8.74
C ILE A 215 -27.88 16.52 9.71
N ASP A 216 -29.11 16.67 9.26
CA ASP A 216 -30.31 16.39 10.08
C ASP A 216 -30.32 14.89 10.34
N ARG A 217 -29.70 14.11 9.46
CA ARG A 217 -29.76 12.64 9.51
C ARG A 217 -28.73 11.93 10.38
N PHE A 218 -27.51 12.40 10.48
CA PHE A 218 -26.56 11.86 11.43
C PHE A 218 -26.47 12.86 12.52
N GLY A 219 -25.65 12.56 13.51
CA GLY A 219 -25.37 13.55 14.58
C GLY A 219 -25.05 14.97 14.08
N TYR A 220 -24.09 15.05 13.16
CA TYR A 220 -22.97 15.96 13.31
C TYR A 220 -23.15 17.45 13.31
N GLN A 221 -22.17 18.06 13.96
CA GLN A 221 -21.91 19.46 13.87
C GLN A 221 -21.10 19.56 12.60
N LEU A 222 -21.43 20.51 11.74
CA LEU A 222 -20.74 20.70 10.48
C LEU A 222 -20.11 22.08 10.37
N ASN A 223 -18.82 22.12 10.50
CA ASN A 223 -18.09 23.35 10.45
C ASN A 223 -17.37 23.52 9.15
N TRP A 224 -17.12 24.77 8.79
CA TRP A 224 -16.35 25.15 7.64
C TRP A 224 -15.44 26.30 8.04
N ILE A 225 -14.13 26.16 7.84
CA ILE A 225 -13.17 27.21 8.23
C ILE A 225 -12.22 27.37 7.09
N THR A 226 -11.85 28.61 6.78
CA THR A 226 -10.86 28.88 5.73
C THR A 226 -10.00 30.12 5.98
N ARG A 227 -8.84 30.15 5.32
CA ARG A 227 -7.87 31.26 5.41
C ARG A 227 -8.41 32.45 4.61
N ALA A 228 -9.15 32.12 3.54
CA ALA A 228 -9.64 33.08 2.58
C ALA A 228 -10.51 34.05 3.28
N PRO A 229 -10.63 35.26 2.73
CA PRO A 229 -11.45 36.32 3.32
C PRO A 229 -12.97 36.11 3.26
N ARG A 230 -13.41 35.46 2.20
CA ARG A 230 -14.82 35.33 1.92
C ARG A 230 -14.94 33.97 1.30
N PHE A 231 -16.15 33.45 1.29
CA PHE A 231 -16.43 32.27 0.49
C PHE A 231 -16.68 32.74 -0.93
N TYR A 232 -15.62 33.26 -1.55
CA TYR A 232 -15.84 33.97 -2.80
C TYR A 232 -16.17 33.06 -4.01
N PRO A 233 -17.06 33.56 -4.88
CA PRO A 233 -17.31 32.89 -6.14
C PRO A 233 -16.15 33.05 -7.11
N LEU A 234 -16.02 32.06 -7.97
CA LEU A 234 -15.11 32.13 -9.09
C LEU A 234 -15.64 33.15 -10.10
N GLU A 235 -14.89 34.20 -10.46
CA GLU A 235 -15.44 35.30 -11.33
C GLU A 235 -15.71 34.83 -12.74
N TYR A 236 -16.99 34.69 -13.05
CA TYR A 236 -17.43 34.18 -14.32
C TYR A 236 -18.10 35.22 -15.27
N THR A 237 -17.84 36.49 -15.03
CA THR A 237 -18.43 37.50 -15.85
C THR A 237 -17.56 37.66 -17.05
N LYS A 238 -18.23 37.93 -18.17
CA LYS A 238 -17.71 37.64 -19.49
C LYS A 238 -16.62 38.57 -19.92
N LEU A 239 -16.74 39.83 -19.53
CA LEU A 239 -15.59 40.76 -19.66
C LEU A 239 -14.33 40.23 -19.01
N THR A 240 -14.44 39.70 -17.79
CA THR A 240 -13.28 39.05 -17.13
C THR A 240 -12.75 37.75 -17.77
N LEU A 241 -13.59 36.91 -18.37
CA LEU A 241 -13.04 35.73 -19.10
C LEU A 241 -12.16 36.12 -20.36
N GLU A 242 -12.25 37.35 -20.85
CA GLU A 242 -11.28 37.83 -21.87
C GLU A 242 -9.85 37.79 -21.36
N MET A 243 -9.68 37.87 -20.07
CA MET A 243 -8.37 37.73 -19.55
C MET A 243 -7.85 36.29 -19.62
N THR A 244 -8.66 35.33 -20.02
CA THR A 244 -8.15 33.98 -20.22
C THR A 244 -8.01 33.83 -21.71
N SER A 245 -7.11 34.56 -22.31
CA SER A 245 -7.08 34.51 -23.74
C SER A 245 -5.68 34.84 -24.18
N PRO A 246 -5.27 34.26 -25.32
CA PRO A 246 -3.97 34.51 -25.89
C PRO A 246 -3.51 35.98 -25.70
N GLU A 247 -4.41 36.93 -26.05
CA GLU A 247 -4.13 38.38 -25.98
C GLU A 247 -3.70 38.74 -24.57
N TRP A 248 -4.45 38.29 -23.58
CA TRP A 248 -4.07 38.54 -22.21
C TRP A 248 -2.83 37.77 -21.74
N ILE A 249 -2.55 36.63 -22.36
CA ILE A 249 -1.35 35.88 -22.03
C ILE A 249 -0.12 36.52 -22.72
N ASP A 250 -0.24 36.93 -23.98
CA ASP A 250 0.80 37.79 -24.61
C ASP A 250 0.93 39.17 -24.00
N TYR A 251 -0.08 39.64 -23.29
CA TYR A 251 0.05 40.83 -22.45
C TYR A 251 0.88 40.55 -21.17
N PHE A 252 0.55 39.43 -20.53
CA PHE A 252 1.29 38.91 -19.38
C PHE A 252 2.74 38.61 -19.70
N HIS A 253 3.06 38.44 -20.99
CA HIS A 253 4.45 38.39 -21.44
C HIS A 253 4.87 39.81 -21.83
N SER A 254 4.95 40.65 -20.81
CA SER A 254 5.61 41.93 -20.82
C SER A 254 6.18 41.88 -19.41
N LEU A 255 7.50 41.66 -19.28
CA LEU A 255 8.10 41.26 -17.98
C LEU A 255 7.97 42.39 -16.89
N PRO A 256 7.29 42.10 -15.75
CA PRO A 256 7.38 42.79 -14.46
C PRO A 256 8.36 41.95 -13.65
N ALA A 257 9.06 41.02 -14.35
CA ALA A 257 9.85 39.91 -13.84
C ALA A 257 9.40 39.49 -12.44
N ALA A 258 8.26 38.79 -12.36
CA ALA A 258 7.68 38.28 -11.10
C ALA A 258 7.08 39.35 -10.10
N LYS A 259 6.59 40.49 -10.61
CA LYS A 259 5.54 41.30 -9.92
C LYS A 259 4.20 40.81 -10.41
N ARG A 260 4.27 39.98 -11.45
CA ARG A 260 3.28 38.98 -11.79
C ARG A 260 3.06 37.92 -10.72
N ASP A 261 3.85 37.95 -9.64
CA ASP A 261 3.72 37.00 -8.51
C ASP A 261 2.93 37.57 -7.30
N GLU A 262 2.93 38.90 -7.12
CA GLU A 262 1.99 39.56 -6.18
C GLU A 262 0.61 39.74 -6.86
N LEU A 263 0.58 39.61 -8.19
CA LEU A 263 -0.65 39.43 -8.97
C LEU A 263 -1.33 38.09 -8.73
N ASN A 264 -0.53 37.01 -8.65
CA ASN A 264 -1.03 35.60 -8.56
C ASN A 264 -1.81 35.20 -7.28
N ALA A 265 -1.43 35.79 -6.13
CA ALA A 265 -2.24 35.76 -4.90
C ALA A 265 -3.34 36.85 -4.92
N SER A 266 -3.05 38.00 -5.56
CA SER A 266 -4.04 39.09 -5.79
C SER A 266 -5.22 38.72 -6.73
N GLN A 267 -4.96 37.87 -7.74
CA GLN A 267 -5.99 37.38 -8.69
C GLN A 267 -6.50 35.96 -8.30
N LYS A 268 -6.55 35.73 -6.98
CA LYS A 268 -7.09 34.52 -6.37
C LYS A 268 -8.45 34.00 -6.93
N ASN A 269 -9.42 34.93 -7.06
CA ASN A 269 -10.84 34.59 -7.37
C ASN A 269 -11.17 34.38 -8.87
N LEU A 270 -10.11 34.39 -9.71
CA LEU A 270 -10.22 34.17 -11.16
C LEU A 270 -10.07 32.68 -11.54
N TYR A 271 -9.35 31.93 -10.68
CA TYR A 271 -9.10 30.48 -10.87
C TYR A 271 -9.40 29.61 -9.65
N LYS A 272 -9.33 30.18 -8.44
CA LYS A 272 -9.86 29.58 -7.22
C LYS A 272 -11.14 30.29 -6.92
N GLY A 273 -11.90 29.71 -6.02
CA GLY A 273 -13.22 30.23 -5.80
C GLY A 273 -14.20 29.19 -6.26
N ILE A 274 -15.34 29.24 -5.61
CA ILE A 274 -16.38 28.30 -5.78
C ILE A 274 -17.36 28.84 -6.84
N ASN A 275 -17.89 27.91 -7.57
CA ASN A 275 -19.03 28.12 -8.38
C ASN A 275 -20.13 28.93 -7.69
N SER A 276 -20.56 30.03 -8.30
CA SER A 276 -21.67 30.85 -7.81
C SER A 276 -22.88 30.09 -7.35
N SER A 277 -23.38 29.23 -8.23
CA SER A 277 -24.50 28.41 -7.90
C SER A 277 -24.32 27.65 -6.60
N LEU A 278 -23.12 27.13 -6.38
CA LEU A 278 -22.93 26.27 -5.26
C LEU A 278 -22.97 27.07 -3.98
N ILE A 279 -22.35 28.23 -4.00
CA ILE A 279 -22.40 29.07 -2.84
C ILE A 279 -23.84 29.36 -2.45
N ASN A 280 -24.63 29.69 -3.43
CA ASN A 280 -26.00 29.93 -3.18
C ASN A 280 -26.75 28.73 -2.80
N ALA A 281 -26.45 27.64 -3.44
CA ALA A 281 -27.02 26.37 -3.03
C ALA A 281 -26.77 26.06 -1.56
N ILE A 282 -25.56 26.39 -1.12
CA ILE A 282 -25.13 26.06 0.20
C ILE A 282 -25.97 26.86 1.13
N TYR A 283 -26.03 28.17 0.89
CA TYR A 283 -26.95 29.07 1.63
C TYR A 283 -28.37 28.57 1.60
N ASP A 284 -28.94 28.28 0.44
CA ASP A 284 -30.34 27.89 0.45
C ASP A 284 -30.55 26.61 1.30
N LEU A 285 -29.55 25.72 1.34
CA LEU A 285 -29.67 24.51 2.14
C LEU A 285 -29.58 24.81 3.62
N LEU A 286 -28.70 25.70 4.05
CA LEU A 286 -28.68 26.06 5.45
C LEU A 286 -30.07 26.61 5.84
N TYR A 287 -30.60 27.47 4.98
CA TYR A 287 -31.92 27.98 5.20
C TYR A 287 -32.94 26.84 5.35
N VAL A 288 -32.97 25.90 4.44
CA VAL A 288 -33.97 24.87 4.54
C VAL A 288 -33.82 23.96 5.78
N LYS A 289 -32.60 23.61 6.11
CA LYS A 289 -32.40 22.76 7.27
C LYS A 289 -32.78 23.49 8.52
N GLN A 290 -32.49 24.78 8.55
CA GLN A 290 -32.76 25.59 9.73
C GLN A 290 -34.27 25.71 10.03
N LEU A 291 -35.09 25.53 9.02
CA LEU A 291 -36.53 25.48 9.31
C LEU A 291 -36.92 24.48 10.39
N ASP A 292 -36.05 23.52 10.74
CA ASP A 292 -36.32 22.54 11.81
C ASP A 292 -35.66 22.86 13.14
N GLY A 293 -34.84 23.87 13.23
CA GLY A 293 -34.11 24.10 14.47
C GLY A 293 -32.88 24.90 14.13
N LYS A 294 -32.25 25.50 15.14
CA LYS A 294 -30.85 25.92 14.97
C LYS A 294 -30.03 24.66 14.48
N LEU A 295 -29.08 25.01 13.63
CA LEU A 295 -28.24 24.05 12.97
C LEU A 295 -27.02 24.15 13.78
N ASP A 296 -26.43 23.00 14.08
CA ASP A 296 -25.14 23.03 14.71
C ASP A 296 -24.12 23.23 13.59
N VAL A 297 -23.93 24.47 13.13
CA VAL A 297 -22.92 24.77 12.10
C VAL A 297 -22.11 25.94 12.50
N ASN A 298 -20.86 25.97 12.12
CA ASN A 298 -20.05 27.19 12.18
C ASN A 298 -19.27 27.32 10.93
N LEU A 299 -18.95 28.52 10.62
CA LEU A 299 -18.36 28.87 9.36
C LEU A 299 -17.43 30.01 9.72
N PHE A 300 -16.14 29.82 9.57
CA PHE A 300 -15.23 30.88 9.87
C PHE A 300 -14.45 31.19 8.66
N THR A 301 -13.81 32.33 8.70
CA THR A 301 -13.25 32.94 7.52
C THR A 301 -11.99 33.79 7.95
N HIS A 302 -11.16 34.24 7.01
CA HIS A 302 -9.86 34.89 7.36
C HIS A 302 -8.91 34.13 8.30
N SER A 303 -9.02 32.80 8.39
CA SER A 303 -8.35 32.01 9.44
C SER A 303 -7.33 30.96 8.94
N GLU A 304 -6.05 31.27 9.15
CA GLU A 304 -4.95 30.38 8.87
C GLU A 304 -4.87 29.34 9.95
N LEU A 305 -4.69 28.08 9.53
CA LEU A 305 -4.49 26.96 10.45
C LEU A 305 -3.01 26.88 10.69
N THR A 306 -2.59 27.33 11.87
CA THR A 306 -1.18 27.45 12.27
C THR A 306 -0.61 26.21 13.02
N ASP A 307 -1.38 25.63 13.94
CA ASP A 307 -1.01 24.39 14.63
C ASP A 307 -2.23 23.44 14.79
N MET A 308 -1.98 22.19 15.05
CA MET A 308 -3.07 21.31 15.29
C MET A 308 -2.59 20.22 16.19
N ARG A 309 -3.50 19.67 16.95
CA ARG A 309 -3.14 18.64 17.95
C ARG A 309 -4.30 17.65 18.15
N TRP A 310 -3.97 16.46 18.61
CA TRP A 310 -4.99 15.47 18.80
C TRP A 310 -5.00 15.16 20.29
N LEU A 311 -5.92 15.83 20.97
CA LEU A 311 -6.29 15.54 22.36
C LEU A 311 -6.67 14.07 22.65
N ALA A 312 -6.18 13.63 23.82
CA ALA A 312 -6.54 12.35 24.44
C ALA A 312 -8.07 12.12 24.54
N GLU A 313 -8.78 13.18 24.90
CA GLU A 313 -10.23 13.24 24.77
C GLU A 313 -10.80 12.44 23.58
N GLY A 314 -10.22 12.60 22.37
CA GLY A 314 -10.72 12.01 21.13
C GLY A 314 -11.22 13.02 20.10
N GLU A 315 -10.45 14.08 19.93
CA GLU A 315 -10.83 15.29 19.18
C GLU A 315 -9.58 16.01 18.75
N PHE A 316 -9.61 16.65 17.60
CA PHE A 316 -8.61 17.63 17.26
C PHE A 316 -8.91 18.96 17.93
N GLU A 317 -7.85 19.73 18.15
CA GLU A 317 -7.92 21.11 18.52
C GLU A 317 -7.14 21.88 17.47
N LEU A 318 -7.82 22.79 16.81
CA LEU A 318 -7.26 23.52 15.68
C LEU A 318 -6.88 24.90 16.15
N LYS A 319 -5.66 25.31 15.93
CA LYS A 319 -5.22 26.62 16.34
C LYS A 319 -5.32 27.40 15.07
N LEU A 320 -6.12 28.45 15.10
CA LEU A 320 -6.39 29.30 13.94
C LEU A 320 -5.95 30.72 14.24
N HIS A 321 -5.52 31.43 13.22
CA HIS A 321 -5.12 32.83 13.36
C HIS A 321 -6.07 33.68 12.51
N GLN A 322 -6.97 34.43 13.14
CA GLN A 322 -7.88 35.28 12.36
C GLN A 322 -7.04 36.48 11.89
N GLN A 323 -6.66 36.47 10.61
CA GLN A 323 -5.58 37.35 10.08
C GLN A 323 -5.89 38.83 9.88
N GLU A 324 -7.15 39.18 9.88
CA GLU A 324 -7.61 40.53 9.59
C GLU A 324 -7.79 41.22 10.91
N GLN A 325 -8.34 40.45 11.87
CA GLN A 325 -8.46 40.90 13.25
C GLN A 325 -7.12 40.75 14.03
N ASP A 326 -6.10 40.15 13.42
CA ASP A 326 -4.84 39.76 14.10
C ASP A 326 -5.05 39.13 15.49
N ARG A 327 -5.95 38.15 15.56
CA ARG A 327 -6.33 37.51 16.80
C ARG A 327 -6.40 35.99 16.61
N ALA A 328 -5.87 35.26 17.59
CA ALA A 328 -5.79 33.80 17.53
C ALA A 328 -6.95 33.23 18.26
N TYR A 329 -7.38 32.04 17.82
CA TYR A 329 -8.47 31.29 18.43
C TYR A 329 -8.28 29.82 18.23
N SER A 330 -9.16 29.03 18.84
CA SER A 330 -9.14 27.60 18.66
C SER A 330 -10.55 27.02 18.55
N ARG A 331 -10.66 25.92 17.85
CA ARG A 331 -11.93 25.24 17.66
C ARG A 331 -11.59 23.79 17.69
N ARG A 332 -12.60 22.95 17.79
CA ARG A 332 -12.38 21.53 17.96
C ARG A 332 -13.22 20.76 16.97
N THR A 333 -12.99 19.47 16.82
CA THR A 333 -13.65 18.65 15.78
C THR A 333 -13.09 17.23 15.83
N GLU A 334 -13.96 16.23 15.67
CA GLU A 334 -13.53 14.87 15.61
C GLU A 334 -13.05 14.64 14.20
N GLY A 335 -13.96 14.71 13.24
CA GLY A 335 -13.62 14.60 11.81
C GLY A 335 -12.96 15.86 11.26
N LEU A 336 -12.17 15.67 10.24
CA LEU A 336 -11.42 16.78 9.65
C LEU A 336 -11.13 16.49 8.17
N VAL A 337 -11.69 17.29 7.26
CA VAL A 337 -11.53 17.12 5.84
C VAL A 337 -10.69 18.28 5.45
N MET A 338 -9.50 17.97 4.94
CA MET A 338 -8.51 18.96 4.65
C MET A 338 -8.57 19.24 3.14
N ALA A 339 -9.23 20.33 2.77
CA ALA A 339 -9.65 20.59 1.39
C ALA A 339 -8.76 21.70 0.90
N THR A 340 -7.47 21.45 1.01
CA THR A 340 -6.43 22.48 0.89
C THR A 340 -5.68 22.41 -0.41
N GLY A 341 -6.11 21.52 -1.29
CA GLY A 341 -5.63 21.54 -2.66
C GLY A 341 -4.52 20.59 -3.06
N TYR A 342 -3.74 21.06 -4.03
CA TYR A 342 -2.73 20.26 -4.74
C TYR A 342 -1.56 21.19 -4.96
N HIS A 343 -0.33 20.69 -5.04
N HIS A 343 -0.33 20.66 -4.97
CA HIS A 343 0.82 21.57 -5.27
CA HIS A 343 0.88 21.44 -5.30
C HIS A 343 1.73 20.71 -6.18
C HIS A 343 1.64 20.66 -6.34
N TYR A 344 2.47 21.35 -7.13
CA TYR A 344 3.41 20.66 -8.09
C TYR A 344 4.78 20.67 -7.44
N GLN A 345 5.35 19.47 -7.29
CA GLN A 345 6.78 19.25 -7.05
C GLN A 345 7.32 18.45 -8.25
N PRO A 346 8.53 18.82 -8.74
CA PRO A 346 9.12 18.08 -9.83
C PRO A 346 9.24 16.62 -9.47
N PRO A 347 8.92 15.69 -10.39
CA PRO A 347 9.03 14.28 -10.00
C PRO A 347 10.46 13.78 -9.78
N ALA A 348 10.54 12.56 -9.24
CA ALA A 348 11.82 11.88 -9.06
C ALA A 348 12.63 11.97 -10.35
N PHE A 349 12.08 11.44 -11.44
CA PHE A 349 12.84 11.21 -12.67
C PHE A 349 13.55 12.43 -13.24
N VAL A 350 13.28 13.61 -12.71
CA VAL A 350 13.84 14.85 -13.22
C VAL A 350 15.22 15.22 -12.65
N GLU A 351 15.73 14.57 -11.60
CA GLU A 351 17.16 14.75 -11.15
C GLU A 351 18.09 14.57 -12.34
N GLY A 352 17.79 13.51 -13.09
CA GLY A 352 18.45 13.22 -14.34
C GLY A 352 18.67 14.32 -15.37
N ILE A 353 17.93 15.43 -15.29
CA ILE A 353 18.15 16.58 -16.20
C ILE A 353 18.20 17.92 -15.44
N GLN A 354 18.47 17.83 -14.14
CA GLN A 354 18.54 18.97 -13.23
C GLN A 354 19.38 20.13 -13.75
N GLN A 355 20.63 19.84 -14.10
CA GLN A 355 21.53 20.86 -14.63
C GLN A 355 21.02 21.41 -16.01
N ARG A 356 20.22 20.62 -16.75
CA ARG A 356 19.62 21.01 -18.08
C ARG A 356 18.39 21.96 -18.12
N ILE A 357 17.83 22.20 -16.94
CA ILE A 357 16.57 22.90 -16.69
C ILE A 357 16.81 24.29 -16.07
N GLN A 358 16.13 25.34 -16.55
CA GLN A 358 16.29 26.71 -15.94
C GLN A 358 15.49 26.73 -14.65
N TRP A 359 16.05 27.24 -13.54
CA TRP A 359 15.26 27.31 -12.29
C TRP A 359 14.99 28.74 -11.85
N ASP A 360 13.77 28.94 -11.31
CA ASP A 360 13.37 30.19 -10.66
C ASP A 360 14.06 30.16 -9.34
N GLU A 361 14.47 31.37 -8.92
CA GLU A 361 15.06 31.61 -7.62
C GLU A 361 14.53 30.73 -6.48
N LYS A 362 13.33 30.14 -6.63
CA LYS A 362 12.79 29.22 -5.63
C LYS A 362 12.81 27.72 -5.97
N ASP A 363 13.51 27.29 -7.04
CA ASP A 363 13.51 25.85 -7.49
C ASP A 363 12.19 25.41 -8.15
N ARG A 364 11.54 26.38 -8.78
CA ARG A 364 10.38 26.11 -9.60
C ARG A 364 10.94 26.19 -10.98
N TYR A 365 10.45 25.35 -11.87
CA TYR A 365 10.78 25.57 -13.26
C TYR A 365 10.49 27.05 -13.59
N ASP A 366 11.51 27.74 -14.08
CA ASP A 366 11.40 29.11 -14.58
C ASP A 366 10.89 28.99 -16.02
N VAL A 367 9.59 28.82 -16.11
CA VAL A 367 8.98 28.44 -17.37
C VAL A 367 9.11 29.57 -18.38
N GLN A 368 9.63 29.25 -19.55
CA GLN A 368 9.67 30.23 -20.63
C GLN A 368 8.27 30.41 -21.28
N ARG A 369 8.17 31.43 -22.13
CA ARG A 369 6.91 31.83 -22.76
C ARG A 369 6.23 30.76 -23.61
N ASN A 370 7.01 29.90 -24.23
CA ASN A 370 6.44 28.81 -25.01
C ASN A 370 6.37 27.53 -24.16
N TYR A 371 6.45 27.67 -22.84
CA TYR A 371 6.26 26.51 -21.91
C TYR A 371 7.47 25.59 -21.77
N SER A 372 8.63 26.04 -22.23
CA SER A 372 9.84 25.25 -22.13
C SER A 372 10.52 25.50 -20.79
N ILE A 373 11.08 24.45 -20.25
CA ILE A 373 11.82 24.47 -19.01
C ILE A 373 13.33 24.47 -19.30
N ASP A 374 13.74 24.00 -20.49
CA ASP A 374 15.14 23.87 -20.85
C ASP A 374 15.76 25.13 -21.50
N ARG A 375 17.01 25.01 -21.92
CA ARG A 375 17.66 26.09 -22.67
C ARG A 375 17.43 26.00 -24.17
N HIS A 376 17.15 24.83 -24.72
CA HIS A 376 17.10 24.65 -26.19
C HIS A 376 15.66 24.36 -26.74
N ASN A 377 14.61 24.76 -26.02
CA ASN A 377 13.21 24.61 -26.50
C ASN A 377 12.81 23.21 -26.88
N GLN A 378 13.05 22.30 -25.93
CA GLN A 378 12.78 20.89 -26.09
C GLN A 378 12.26 20.11 -24.83
N VAL A 379 12.27 20.71 -23.64
CA VAL A 379 11.60 20.13 -22.50
C VAL A 379 10.49 21.08 -22.12
N PHE A 380 9.26 20.63 -22.32
CA PHE A 380 8.08 21.43 -22.05
C PHE A 380 7.25 20.90 -20.90
N VAL A 381 6.43 21.79 -20.37
CA VAL A 381 5.64 21.48 -19.21
C VAL A 381 4.18 21.91 -19.36
N GLN A 382 3.27 21.11 -18.81
CA GLN A 382 1.84 21.44 -18.72
C GLN A 382 1.47 21.78 -17.28
N ASN A 383 1.01 22.99 -17.04
CA ASN A 383 0.52 23.42 -15.71
C ASN A 383 1.58 23.17 -14.62
N ALA A 384 2.72 23.82 -14.80
CA ALA A 384 3.63 24.07 -13.70
C ALA A 384 4.03 25.56 -13.73
N GLU A 385 3.16 26.39 -14.35
CA GLU A 385 3.41 27.83 -14.63
C GLU A 385 2.45 28.77 -13.85
N LEU A 386 1.89 28.35 -12.72
CA LEU A 386 1.02 29.25 -11.94
C LEU A 386 1.64 30.67 -11.79
N HIS A 387 2.98 30.71 -11.73
CA HIS A 387 3.81 31.95 -11.67
C HIS A 387 4.14 32.71 -13.01
N THR A 388 4.25 31.99 -14.14
CA THR A 388 4.61 32.54 -15.50
C THR A 388 3.41 32.92 -16.41
N HIS A 389 2.31 32.13 -16.36
CA HIS A 389 1.05 32.41 -17.13
C HIS A 389 -0.22 32.65 -16.28
N GLY A 390 -0.07 32.63 -14.96
CA GLY A 390 -1.07 33.19 -14.03
C GLY A 390 -2.19 32.29 -13.52
N PHE A 391 -3.40 32.87 -13.51
CA PHE A 391 -4.64 32.18 -13.16
C PHE A 391 -5.16 31.19 -14.22
N VAL A 392 -4.58 31.29 -15.42
CA VAL A 392 -5.06 30.61 -16.60
C VAL A 392 -4.37 29.24 -16.82
N THR A 393 -3.35 28.90 -16.02
CA THR A 393 -2.58 27.65 -16.25
C THR A 393 -3.33 26.32 -15.89
N PRO A 394 -4.25 26.33 -14.86
CA PRO A 394 -5.03 25.09 -14.56
C PRO A 394 -6.40 24.98 -15.29
N ASP A 395 -6.62 25.76 -16.33
CA ASP A 395 -7.93 25.82 -16.93
C ASP A 395 -7.98 24.89 -18.10
N LEU A 396 -8.89 23.93 -18.09
CA LEU A 396 -9.13 23.14 -19.27
C LEU A 396 -9.42 23.96 -20.52
N GLY A 397 -9.84 25.21 -20.38
CA GLY A 397 -10.16 26.10 -21.52
C GLY A 397 -8.95 26.58 -22.26
N MET A 398 -7.85 26.73 -21.52
CA MET A 398 -6.58 27.11 -22.13
C MET A 398 -5.68 25.94 -22.47
N ALA A 399 -6.20 24.71 -22.40
CA ALA A 399 -5.47 23.50 -22.77
C ALA A 399 -5.16 23.41 -24.25
N CYS A 400 -6.16 23.65 -25.08
CA CYS A 400 -5.96 23.63 -26.51
C CYS A 400 -5.05 24.76 -26.99
N TYR A 401 -5.15 25.94 -26.39
CA TYR A 401 -4.19 26.98 -26.71
C TYR A 401 -2.76 26.45 -26.52
N ARG A 402 -2.45 25.91 -25.36
CA ARG A 402 -1.07 25.52 -25.01
C ARG A 402 -0.59 24.38 -25.90
N ASN A 403 -1.44 23.39 -26.07
CA ASN A 403 -1.09 22.29 -26.93
C ASN A 403 -0.86 22.72 -28.35
N SER A 404 -1.60 23.72 -28.76
CA SER A 404 -1.33 24.35 -30.04
C SER A 404 0.06 25.03 -30.06
N VAL A 405 0.45 25.80 -29.05
CA VAL A 405 1.81 26.38 -29.15
C VAL A 405 2.89 25.30 -29.00
N LEU A 406 2.62 24.24 -28.22
CA LEU A 406 3.59 23.17 -28.10
C LEU A 406 3.80 22.62 -29.50
N LEU A 407 2.72 22.23 -30.18
CA LEU A 407 2.86 21.70 -31.54
C LEU A 407 3.46 22.72 -32.57
N ARG A 408 3.30 24.03 -32.40
CA ARG A 408 4.10 24.95 -33.25
C ARG A 408 5.60 24.71 -33.00
N GLU A 409 6.03 24.67 -31.74
CA GLU A 409 7.45 24.43 -31.40
C GLU A 409 7.98 23.05 -31.77
N ILE A 410 7.23 22.02 -31.47
CA ILE A 410 7.66 20.65 -31.71
C ILE A 410 7.78 20.46 -33.20
N THR A 411 7.00 21.21 -33.96
CA THR A 411 6.81 20.92 -35.35
C THR A 411 7.43 21.98 -36.25
N GLY A 412 7.71 23.19 -35.75
CA GLY A 412 8.17 24.31 -36.57
C GLY A 412 7.12 25.08 -37.38
N ARG A 413 5.88 24.56 -37.46
CA ARG A 413 4.78 25.13 -38.27
C ARG A 413 3.47 25.22 -37.51
N GLU A 414 2.64 26.19 -37.85
CA GLU A 414 1.29 26.31 -37.27
C GLU A 414 0.47 25.16 -37.75
N VAL A 415 -0.02 24.39 -36.79
CA VAL A 415 -0.71 23.18 -37.09
C VAL A 415 -2.16 23.43 -36.85
N TYR A 416 -2.44 24.05 -35.71
CA TYR A 416 -3.75 24.49 -35.30
C TYR A 416 -3.55 25.98 -35.09
N PRO A 417 -4.16 26.81 -35.94
CA PRO A 417 -4.14 28.25 -35.70
C PRO A 417 -4.57 28.59 -34.29
N VAL A 418 -4.41 29.84 -33.94
CA VAL A 418 -4.38 30.24 -32.55
C VAL A 418 -5.02 31.61 -32.41
N GLU A 419 -6.27 31.64 -31.95
CA GLU A 419 -7.10 32.82 -32.16
C GLU A 419 -6.61 34.06 -31.35
N ARG A 420 -6.00 35.07 -32.02
CA ARG A 420 -5.55 36.33 -31.32
C ARG A 420 -6.42 37.58 -31.60
N GLN A 421 -7.55 37.36 -32.31
CA GLN A 421 -8.55 38.40 -32.68
C GLN A 421 -9.86 38.25 -31.87
N ILE A 422 -9.75 38.10 -30.55
CA ILE A 422 -10.86 37.70 -29.65
C ILE A 422 -11.44 38.83 -28.81
N ALA A 423 -10.55 39.41 -28.02
CA ALA A 423 -10.89 40.33 -26.99
C ALA A 423 -11.29 41.66 -27.57
N PHE A 424 -12.44 42.14 -27.15
CA PHE A 424 -12.80 43.53 -27.31
C PHE A 424 -11.90 44.47 -26.51
N GLN A 425 -11.52 44.07 -25.32
CA GLN A 425 -10.63 44.91 -24.52
C GLN A 425 -9.30 44.98 -25.19
N THR A 426 -8.66 46.13 -25.10
CA THR A 426 -7.20 46.19 -25.21
C THR A 426 -6.58 46.12 -23.82
N PHE A 427 -5.60 45.24 -23.64
CA PHE A 427 -4.99 45.08 -22.32
C PHE A 427 -3.79 45.95 -21.97
N PRO A 428 -2.83 46.11 -22.90
CA PRO A 428 -1.70 46.99 -22.58
C PRO A 428 -2.08 48.44 -22.83
N ALA A 429 -1.25 49.33 -22.35
CA ALA A 429 -1.36 50.70 -22.76
C ALA A 429 -1.21 50.72 -24.26
N GLN A 430 -1.82 51.71 -24.89
CA GLN A 430 -1.81 51.85 -26.35
C GLN A 430 -2.28 53.26 -26.64
N SER A 431 -1.61 53.95 -27.56
CA SER A 431 -1.84 55.39 -27.75
C SER A 431 -2.61 55.59 -29.06
N GLU A 432 -3.16 56.79 -29.26
CA GLU A 432 -3.98 57.12 -30.45
C GLU A 432 -3.46 58.42 -31.12
N THR B 7 0.92 6.19 -6.64
CA THR B 7 -0.45 5.65 -6.27
C THR B 7 -0.56 4.12 -6.55
N ILE B 8 0.06 3.66 -7.64
CA ILE B 8 0.03 2.23 -8.06
C ILE B 8 1.38 1.49 -7.75
N TYR B 9 1.29 0.28 -7.20
CA TYR B 9 2.47 -0.42 -6.71
C TYR B 9 2.64 -1.62 -7.61
N ASP B 10 3.89 -2.05 -7.82
CA ASP B 10 4.11 -3.26 -8.64
C ASP B 10 3.60 -4.48 -7.89
N PHE B 11 3.85 -4.46 -6.56
CA PHE B 11 3.21 -5.41 -5.68
C PHE B 11 2.96 -4.82 -4.28
N ILE B 12 1.92 -5.36 -3.64
CA ILE B 12 1.60 -5.05 -2.26
C ILE B 12 1.71 -6.31 -1.47
N GLY B 13 2.39 -6.20 -0.34
CA GLY B 13 2.65 -7.39 0.46
C GLY B 13 1.78 -7.27 1.67
N ILE B 14 0.99 -8.31 1.95
CA ILE B 14 -0.04 -8.10 2.88
C ILE B 14 0.28 -8.40 4.30
N GLY B 15 0.87 -9.51 4.69
CA GLY B 15 1.28 -9.57 6.15
C GLY B 15 2.68 -8.98 6.41
N ILE B 16 3.11 -8.75 7.66
CA ILE B 16 4.58 -8.55 7.89
C ILE B 16 5.11 -9.41 8.98
N GLY B 17 5.39 -10.65 8.63
CA GLY B 17 6.18 -11.54 9.45
C GLY B 17 7.55 -11.78 8.83
N PRO B 18 8.24 -12.83 9.29
CA PRO B 18 9.58 -12.91 8.82
C PRO B 18 9.64 -13.10 7.33
N PHE B 19 8.70 -13.84 6.75
CA PHE B 19 8.80 -14.04 5.32
C PHE B 19 8.59 -12.75 4.52
N ASN B 20 7.52 -11.99 4.79
CA ASN B 20 7.35 -10.74 4.04
C ASN B 20 8.38 -9.70 4.45
N LEU B 21 8.86 -9.74 5.69
CA LEU B 21 9.87 -8.78 6.10
C LEU B 21 11.12 -9.06 5.26
N GLY B 22 11.34 -10.34 5.00
CA GLY B 22 12.50 -10.73 4.23
C GLY B 22 12.37 -10.14 2.86
N LEU B 23 11.26 -10.54 2.23
CA LEU B 23 10.88 -9.99 0.93
C LEU B 23 10.98 -8.50 0.82
N ALA B 24 10.66 -7.79 1.89
CA ALA B 24 10.77 -6.34 1.92
C ALA B 24 12.19 -5.93 1.89
N CYS B 25 13.03 -6.56 2.72
CA CYS B 25 14.48 -6.20 2.69
C CYS B 25 15.09 -6.55 1.35
N LEU B 26 14.60 -7.61 0.74
CA LEU B 26 15.20 -7.97 -0.51
C LEU B 26 14.72 -7.06 -1.62
N SER B 27 13.47 -6.59 -1.55
CA SER B 27 12.88 -5.88 -2.67
C SER B 27 13.23 -4.41 -2.60
N GLU B 28 13.45 -3.85 -1.41
CA GLU B 28 13.83 -2.43 -1.31
C GLU B 28 14.89 -1.94 -2.30
N PRO B 29 16.03 -2.65 -2.47
CA PRO B 29 17.09 -2.03 -3.30
C PRO B 29 16.93 -2.21 -4.81
N VAL B 30 15.88 -2.85 -5.27
CA VAL B 30 15.77 -3.18 -6.68
C VAL B 30 15.29 -1.98 -7.50
N GLU B 31 16.17 -1.41 -8.34
CA GLU B 31 15.79 -0.33 -9.26
C GLU B 31 14.55 -0.76 -10.00
N GLY B 32 13.53 0.10 -9.97
CA GLY B 32 12.35 -0.10 -10.80
C GLY B 32 11.26 -0.94 -10.19
N LEU B 33 11.26 -1.04 -8.87
CA LEU B 33 10.31 -1.90 -8.19
C LEU B 33 9.76 -1.07 -7.04
N ASN B 34 8.43 -0.85 -7.05
CA ASN B 34 7.65 -0.21 -5.96
C ASN B 34 6.81 -1.21 -5.28
N GLY B 35 7.10 -1.34 -3.99
CA GLY B 35 6.50 -2.38 -3.19
C GLY B 35 6.12 -1.75 -1.90
N VAL B 36 5.14 -2.36 -1.27
CA VAL B 36 4.75 -1.87 0.01
C VAL B 36 4.06 -3.02 0.79
N PHE B 37 4.31 -2.97 2.10
CA PHE B 37 3.96 -4.04 2.97
C PHE B 37 3.05 -3.48 4.04
N LEU B 38 1.89 -4.09 4.16
CA LEU B 38 0.91 -3.67 5.14
C LEU B 38 0.88 -4.64 6.28
N ASP B 39 0.69 -4.16 7.48
CA ASP B 39 0.49 -5.07 8.58
C ASP B 39 -0.26 -4.26 9.68
N GLN B 40 -1.11 -4.99 10.38
CA GLN B 40 -2.12 -4.45 11.23
C GLN B 40 -1.61 -4.18 12.62
N ASN B 41 -0.44 -4.71 13.00
CA ASN B 41 0.14 -4.47 14.36
C ASN B 41 0.96 -3.18 14.28
N PRO B 42 1.37 -2.62 15.42
CA PRO B 42 2.22 -1.38 15.39
C PRO B 42 3.69 -1.53 15.07
N GLY B 43 4.19 -2.76 15.10
CA GLY B 43 5.59 -2.98 14.85
C GLY B 43 5.81 -4.48 14.77
N PHE B 44 7.05 -4.84 14.57
CA PHE B 44 7.36 -6.24 14.51
C PHE B 44 7.52 -6.78 15.93
N ASP B 45 6.76 -7.82 16.23
CA ASP B 45 6.99 -8.56 17.47
C ASP B 45 6.53 -9.98 17.22
N TRP B 46 7.49 -10.91 17.33
CA TRP B 46 7.34 -12.26 16.74
C TRP B 46 7.38 -13.30 17.82
N HIS B 47 6.23 -13.96 17.99
CA HIS B 47 6.02 -14.99 18.98
C HIS B 47 6.54 -14.51 20.32
N THR B 48 6.06 -13.34 20.72
CA THR B 48 6.35 -12.74 22.04
C THR B 48 6.16 -13.76 23.18
N GLY B 49 5.06 -14.52 23.17
CA GLY B 49 4.71 -15.49 24.24
C GLY B 49 5.45 -16.84 24.37
N MET B 50 6.23 -17.23 23.37
CA MET B 50 7.14 -18.41 23.45
C MET B 50 8.61 -17.95 23.45
N MET B 51 8.86 -16.66 23.61
CA MET B 51 10.22 -16.12 23.61
C MET B 51 10.97 -16.26 24.94
N LEU B 52 11.22 -17.52 25.31
CA LEU B 52 11.94 -17.86 26.52
C LEU B 52 13.41 -17.44 26.47
N GLU B 53 13.95 -17.12 27.62
CA GLU B 53 15.31 -16.62 27.73
C GLU B 53 16.33 -17.57 27.14
N SER B 54 16.19 -18.87 27.40
CA SER B 54 17.05 -19.88 26.74
C SER B 54 16.32 -20.62 25.61
N ALA B 55 15.80 -19.85 24.67
CA ALA B 55 15.22 -20.42 23.48
C ALA B 55 15.97 -19.88 22.32
N HIS B 56 16.26 -20.81 21.40
N HIS B 56 16.29 -20.74 21.38
CA HIS B 56 17.18 -20.68 20.29
CA HIS B 56 16.97 -20.29 20.19
C HIS B 56 16.45 -21.05 19.00
C HIS B 56 16.39 -20.97 19.01
N LEU B 57 16.77 -20.41 17.88
CA LEU B 57 16.27 -20.89 16.59
C LEU B 57 16.83 -22.26 16.23
N GLN B 58 16.16 -22.90 15.30
CA GLN B 58 16.44 -24.25 14.91
C GLN B 58 17.30 -24.30 13.65
N THR B 59 17.76 -23.12 13.26
CA THR B 59 18.25 -22.82 11.97
C THR B 59 19.48 -21.88 12.14
N PRO B 60 20.53 -22.06 11.35
CA PRO B 60 21.70 -21.19 11.57
C PRO B 60 21.49 -19.73 11.13
N PHE B 61 22.33 -18.82 11.66
CA PHE B 61 22.13 -17.39 11.44
C PHE B 61 22.17 -16.90 9.99
N MET B 62 22.77 -17.65 9.09
CA MET B 62 22.69 -17.40 7.64
C MET B 62 21.28 -17.53 7.09
N ALA B 63 20.37 -18.08 7.88
CA ALA B 63 18.94 -18.02 7.53
C ALA B 63 18.27 -16.87 8.25
N ASP B 64 18.81 -15.71 7.94
CA ASP B 64 18.30 -14.43 8.39
C ASP B 64 17.43 -13.89 7.27
N LEU B 65 17.26 -12.60 7.22
CA LEU B 65 16.34 -12.04 6.27
C LEU B 65 16.77 -12.05 4.78
N VAL B 66 18.07 -12.13 4.52
CA VAL B 66 18.63 -11.84 3.19
C VAL B 66 19.81 -12.69 2.69
N THR B 67 20.51 -13.37 3.59
CA THR B 67 21.89 -13.78 3.31
C THR B 67 21.84 -14.91 2.30
N LEU B 68 20.88 -15.81 2.39
CA LEU B 68 20.80 -16.87 1.41
C LEU B 68 20.47 -16.44 0.00
N ALA B 69 20.13 -15.17 -0.16
CA ALA B 69 19.90 -14.61 -1.48
C ALA B 69 20.89 -13.53 -1.79
N ASP B 70 21.22 -12.69 -0.82
CA ASP B 70 22.27 -11.72 -0.99
C ASP B 70 23.00 -11.43 0.30
N PRO B 71 24.13 -12.08 0.50
CA PRO B 71 25.01 -11.84 1.65
C PRO B 71 25.54 -10.44 1.83
N THR B 72 25.43 -9.64 0.77
CA THR B 72 25.93 -8.26 0.81
C THR B 72 24.88 -7.28 1.27
N SER B 73 23.60 -7.69 1.25
CA SER B 73 22.53 -6.87 1.79
C SER B 73 22.82 -6.28 3.15
N PRO B 74 22.63 -4.97 3.32
CA PRO B 74 22.77 -4.40 4.66
C PRO B 74 21.81 -4.92 5.69
N TYR B 75 20.74 -5.62 5.32
CA TYR B 75 19.86 -6.26 6.30
C TYR B 75 20.36 -7.58 6.91
N SER B 76 21.56 -8.02 6.54
CA SER B 76 22.09 -9.30 7.03
C SER B 76 22.22 -9.23 8.53
N LEU B 77 21.91 -10.35 9.17
CA LEU B 77 22.18 -10.47 10.59
C LEU B 77 23.62 -10.11 10.96
N LEU B 78 24.62 -10.49 10.17
CA LEU B 78 25.97 -10.10 10.57
C LEU B 78 26.16 -8.58 10.55
N ASN B 79 25.55 -7.89 9.61
CA ASN B 79 25.70 -6.43 9.52
C ASN B 79 25.01 -5.79 10.68
N PHE B 80 23.82 -6.27 10.95
CA PHE B 80 23.12 -5.96 12.17
C PHE B 80 24.05 -5.97 13.38
N MET B 81 24.79 -7.04 13.50
CA MET B 81 25.69 -7.23 14.60
C MET B 81 26.76 -6.14 14.55
N LYS B 82 27.27 -5.87 13.37
CA LYS B 82 28.29 -4.83 13.21
C LYS B 82 27.78 -3.47 13.57
N GLN B 83 26.53 -3.21 13.19
CA GLN B 83 25.91 -1.93 13.47
C GLN B 83 25.71 -1.66 14.93
N LYS B 84 25.43 -2.67 15.72
CA LYS B 84 25.36 -2.49 17.16
C LYS B 84 26.67 -2.62 17.86
N GLY B 85 27.77 -2.67 17.11
CA GLY B 85 29.10 -2.74 17.70
C GLY B 85 29.42 -3.91 18.62
N LYS B 86 28.78 -5.04 18.33
CA LYS B 86 28.95 -6.28 19.06
C LYS B 86 29.32 -7.54 18.19
N LEU B 87 29.73 -7.34 16.93
CA LEU B 87 29.98 -8.49 16.04
C LEU B 87 31.13 -9.27 16.54
N TYR B 88 32.12 -8.60 17.10
CA TYR B 88 33.30 -9.30 17.56
C TYR B 88 32.93 -10.21 18.67
N SER B 89 31.91 -9.83 19.45
CA SER B 89 31.38 -10.71 20.50
C SER B 89 30.56 -11.84 19.93
N PHE B 90 29.82 -11.57 18.88
CA PHE B 90 29.13 -12.66 18.22
C PHE B 90 30.12 -13.72 17.63
N TYR B 91 31.30 -13.24 17.21
CA TYR B 91 32.36 -14.06 16.67
C TYR B 91 32.93 -14.96 17.76
N ILE B 92 33.19 -14.36 18.93
CA ILE B 92 33.64 -15.12 20.06
C ILE B 92 32.59 -16.18 20.46
N ARG B 93 31.31 -15.83 20.42
CA ARG B 93 30.22 -16.78 20.81
C ARG B 93 30.27 -18.04 19.94
N GLU B 94 30.56 -17.88 18.66
CA GLU B 94 30.76 -19.00 17.76
C GLU B 94 29.60 -19.97 17.86
N ASP B 95 28.38 -19.47 17.63
CA ASP B 95 27.13 -20.23 17.76
C ASP B 95 26.23 -19.86 16.60
N PHE B 96 25.87 -20.86 15.86
CA PHE B 96 25.17 -20.66 14.64
C PHE B 96 23.71 -20.31 14.92
N PHE B 97 23.29 -20.49 16.15
CA PHE B 97 21.88 -20.39 16.46
C PHE B 97 21.59 -19.24 17.38
N LEU B 98 20.98 -18.25 16.76
CA LEU B 98 20.46 -17.08 17.43
C LEU B 98 19.43 -17.43 18.48
N MET B 99 19.57 -16.76 19.62
CA MET B 99 18.53 -16.71 20.65
C MET B 99 17.29 -16.05 20.04
N ARG B 100 16.10 -16.47 20.44
CA ARG B 100 14.90 -15.96 19.78
C ARG B 100 14.70 -14.50 20.11
N LYS B 101 15.11 -14.15 21.31
CA LYS B 101 15.15 -12.77 21.65
C LYS B 101 16.03 -11.98 20.68
N GLU B 102 17.13 -12.53 20.17
CA GLU B 102 18.00 -11.70 19.34
C GLU B 102 17.43 -11.67 17.95
N TYR B 103 16.89 -12.77 17.48
CA TYR B 103 16.24 -12.72 16.18
C TYR B 103 15.26 -11.58 16.13
N ASN B 104 14.44 -11.52 17.17
CA ASN B 104 13.43 -10.49 17.29
C ASN B 104 14.06 -9.13 17.29
N GLN B 105 14.99 -8.85 18.20
CA GLN B 105 15.63 -7.52 18.23
C GLN B 105 16.18 -7.09 16.85
N TYR B 106 16.88 -8.01 16.20
CA TYR B 106 17.29 -7.91 14.79
C TYR B 106 16.13 -7.67 13.76
N CYS B 107 15.10 -8.51 13.69
CA CYS B 107 13.96 -8.14 12.77
C CYS B 107 13.40 -6.72 13.05
N GLN B 108 13.34 -6.34 14.32
CA GLN B 108 12.87 -5.02 14.67
C GLN B 108 13.77 -3.97 14.07
N TRP B 109 15.07 -4.17 14.20
CA TRP B 109 16.06 -3.27 13.59
C TRP B 109 15.90 -3.17 12.10
N ALA B 110 15.66 -4.28 11.47
CA ALA B 110 15.45 -4.27 10.06
C ALA B 110 14.19 -3.51 9.68
N ALA B 111 13.12 -3.69 10.46
CA ALA B 111 11.84 -3.01 10.21
C ALA B 111 11.93 -1.51 10.38
N GLU B 112 12.65 -0.99 11.38
CA GLU B 112 12.90 0.46 11.55
C GLU B 112 13.62 1.05 10.38
N ARG B 113 14.58 0.31 9.88
CA ARG B 113 15.46 0.75 8.79
C ARG B 113 14.73 0.81 7.45
N LEU B 114 13.80 -0.09 7.28
CA LEU B 114 13.13 -0.15 6.00
C LEU B 114 12.27 1.08 5.80
N GLY B 115 12.07 1.43 4.54
CA GLY B 115 11.10 2.44 4.15
C GLY B 115 9.77 1.99 3.55
N ASN B 116 9.57 0.71 3.34
CA ASN B 116 8.42 0.24 2.55
C ASN B 116 7.35 -0.43 3.43
N LEU B 117 7.38 -0.19 4.72
CA LEU B 117 6.44 -0.90 5.56
C LEU B 117 5.43 0.09 6.07
N ARG B 118 4.18 -0.36 6.12
CA ARG B 118 3.07 0.41 6.61
C ARG B 118 2.41 -0.36 7.74
N TRP B 119 2.71 0.04 8.98
CA TRP B 119 2.10 -0.63 10.16
C TRP B 119 0.65 -0.14 10.46
N ASN B 120 0.03 -0.63 11.53
CA ASN B 120 -1.32 -0.18 11.88
C ASN B 120 -2.28 -0.08 10.67
N THR B 121 -2.26 -1.07 9.80
CA THR B 121 -3.03 -1.05 8.61
C THR B 121 -3.62 -2.44 8.43
N ARG B 122 -4.88 -2.59 8.79
CA ARG B 122 -5.56 -3.90 8.73
C ARG B 122 -6.24 -4.00 7.41
N VAL B 123 -5.83 -4.93 6.54
CA VAL B 123 -6.58 -4.97 5.29
C VAL B 123 -7.86 -5.69 5.57
N GLU B 124 -8.96 -5.06 5.21
CA GLU B 124 -10.28 -5.62 5.44
C GLU B 124 -10.82 -6.24 4.16
N TYR B 125 -10.42 -5.79 2.97
CA TYR B 125 -11.03 -6.33 1.75
C TYR B 125 -10.12 -6.12 0.54
N VAL B 126 -10.25 -7.04 -0.42
CA VAL B 126 -9.44 -7.10 -1.63
C VAL B 126 -10.30 -7.48 -2.84
N SER B 127 -10.13 -6.82 -3.96
CA SER B 127 -10.98 -7.10 -5.10
C SER B 127 -10.18 -6.94 -6.39
N TYR B 128 -10.69 -7.53 -7.47
CA TYR B 128 -10.16 -7.28 -8.81
C TYR B 128 -11.04 -6.28 -9.55
N ASP B 129 -10.43 -5.16 -9.93
CA ASP B 129 -11.05 -4.18 -10.79
C ASP B 129 -10.86 -4.62 -12.23
N ASP B 130 -11.96 -5.02 -12.89
CA ASP B 130 -11.91 -5.50 -14.28
C ASP B 130 -11.56 -4.44 -15.29
N ASN B 131 -11.89 -3.18 -14.97
CA ASN B 131 -11.56 -2.05 -15.85
C ASN B 131 -10.04 -1.88 -15.85
N LEU B 132 -9.48 -1.67 -14.66
CA LEU B 132 -8.04 -1.41 -14.50
C LEU B 132 -7.09 -2.61 -14.69
N GLN B 133 -7.63 -3.83 -14.65
CA GLN B 133 -6.79 -5.02 -14.64
C GLN B 133 -5.74 -5.02 -13.49
N CYS B 134 -6.18 -4.77 -12.26
CA CYS B 134 -5.28 -4.73 -11.11
C CYS B 134 -6.06 -4.99 -9.81
N TYR B 135 -5.36 -5.24 -8.72
CA TYR B 135 -6.02 -5.61 -7.47
C TYR B 135 -6.19 -4.34 -6.61
N ARG B 136 -7.27 -4.33 -5.82
CA ARG B 136 -7.64 -3.17 -5.04
C ARG B 136 -7.80 -3.66 -3.65
N VAL B 137 -7.03 -3.04 -2.73
CA VAL B 137 -6.86 -3.53 -1.37
C VAL B 137 -7.35 -2.46 -0.43
N ARG B 138 -8.34 -2.79 0.42
CA ARG B 138 -8.95 -1.80 1.29
C ARG B 138 -8.49 -2.03 2.71
N SER B 139 -7.89 -1.01 3.30
CA SER B 139 -7.33 -1.10 4.64
C SER B 139 -8.10 -0.20 5.55
N THR B 140 -7.87 -0.41 6.85
CA THR B 140 -8.38 0.45 7.91
C THR B 140 -7.24 0.75 8.85
N ASP B 141 -6.97 2.02 9.14
CA ASP B 141 -5.93 2.31 10.09
C ASP B 141 -6.40 1.85 11.45
N THR B 142 -5.69 0.95 12.09
CA THR B 142 -6.12 0.38 13.40
C THR B 142 -6.18 1.37 14.54
N VAL B 143 -5.33 2.38 14.47
CA VAL B 143 -5.39 3.50 15.40
C VAL B 143 -6.60 4.43 15.13
N SER B 144 -6.72 4.97 13.92
CA SER B 144 -7.64 6.09 13.62
C SER B 144 -8.90 5.80 12.81
N GLY B 145 -9.11 4.59 12.34
CA GLY B 145 -10.31 4.28 11.55
C GLY B 145 -10.21 4.56 10.07
N LYS B 146 -9.22 5.40 9.70
CA LYS B 146 -9.17 5.87 8.33
C LYS B 146 -9.21 4.80 7.23
N GLN B 147 -10.11 4.93 6.26
CA GLN B 147 -10.00 4.10 5.07
C GLN B 147 -8.90 4.53 4.12
N GLN B 148 -8.23 3.54 3.54
CA GLN B 148 -7.36 3.74 2.38
C GLN B 148 -7.57 2.61 1.40
N GLU B 149 -7.22 2.89 0.14
CA GLU B 149 -7.16 1.85 -0.90
C GLU B 149 -5.78 1.86 -1.48
N TRP B 150 -5.34 0.67 -1.82
CA TRP B 150 -4.01 0.53 -2.31
C TRP B 150 -4.21 -0.28 -3.54
N LEU B 151 -3.58 0.18 -4.61
CA LEU B 151 -3.70 -0.50 -5.88
C LEU B 151 -2.40 -1.16 -6.25
N ALA B 152 -2.51 -2.41 -6.67
CA ALA B 152 -1.35 -3.13 -7.13
C ALA B 152 -1.65 -4.13 -8.19
N HIS B 153 -0.63 -4.37 -8.99
CA HIS B 153 -0.75 -5.35 -10.03
C HIS B 153 -0.68 -6.75 -9.49
N ARG B 154 0.20 -6.93 -8.50
CA ARG B 154 0.44 -8.22 -7.86
C ARG B 154 0.34 -8.12 -6.34
N LEU B 155 -0.13 -9.20 -5.73
CA LEU B 155 -0.24 -9.29 -4.26
C LEU B 155 0.53 -10.46 -3.68
N VAL B 156 1.22 -10.27 -2.56
CA VAL B 156 1.74 -11.43 -1.87
C VAL B 156 1.35 -11.45 -0.43
N LEU B 157 0.84 -12.63 -0.02
CA LEU B 157 0.20 -12.83 1.27
C LEU B 157 1.01 -13.64 2.26
N GLY B 158 1.46 -12.99 3.32
CA GLY B 158 2.15 -13.66 4.39
C GLY B 158 1.51 -13.26 5.66
N THR B 159 0.22 -13.58 5.75
CA THR B 159 -0.65 -13.20 6.87
C THR B 159 -0.40 -14.02 8.07
N GLY B 160 0.28 -15.15 7.88
CA GLY B 160 0.69 -16.01 8.97
C GLY B 160 -0.41 -16.99 9.28
N PRO B 161 -0.09 -18.06 10.01
CA PRO B 161 -1.12 -18.99 10.42
C PRO B 161 -1.52 -18.56 11.81
N SER B 162 -2.45 -19.32 12.40
CA SER B 162 -3.13 -18.92 13.63
C SER B 162 -3.12 -20.02 14.67
N ALA B 163 -2.99 -19.61 15.94
CA ALA B 163 -2.91 -20.55 17.06
C ALA B 163 -4.11 -21.46 17.03
N TRP B 164 -3.86 -22.76 17.18
CA TRP B 164 -4.89 -23.79 17.06
C TRP B 164 -4.91 -24.62 18.30
N SER B 165 -6.13 -24.93 18.74
CA SER B 165 -6.36 -25.82 19.84
C SER B 165 -7.36 -26.86 19.39
N PRO B 166 -7.30 -28.04 20.03
CA PRO B 166 -8.11 -29.15 19.58
C PRO B 166 -9.56 -28.75 19.59
N ALA B 167 -10.31 -29.32 18.65
CA ALA B 167 -11.73 -29.02 18.51
C ALA B 167 -12.49 -29.08 19.87
N CYS B 168 -12.24 -30.14 20.64
CA CYS B 168 -12.95 -30.38 21.90
C CYS B 168 -12.56 -29.45 23.07
N SER B 169 -12.16 -28.23 22.81
CA SER B 169 -11.77 -27.38 23.93
C SER B 169 -12.17 -25.91 23.77
N GLN B 170 -13.05 -25.60 22.81
CA GLN B 170 -13.48 -24.21 22.57
C GLN B 170 -14.30 -23.66 23.75
N PRO B 171 -15.03 -24.56 24.47
CA PRO B 171 -15.36 -24.26 25.88
C PRO B 171 -14.09 -24.35 26.66
N TYR B 172 -14.04 -23.94 27.91
CA TYR B 172 -12.77 -24.09 28.68
C TYR B 172 -11.61 -23.24 28.15
N ARG B 173 -11.74 -22.62 26.98
CA ARG B 173 -10.66 -21.82 26.41
C ARG B 173 -10.06 -20.83 27.39
N GLU B 174 -10.88 -20.26 28.29
CA GLU B 174 -10.38 -19.29 29.27
C GLU B 174 -9.70 -19.92 30.48
N ARG B 175 -9.72 -21.25 30.58
CA ARG B 175 -9.04 -21.99 31.67
C ARG B 175 -7.62 -22.46 31.31
N PHE B 176 -7.39 -22.76 30.05
CA PHE B 176 -6.07 -23.13 29.62
C PHE B 176 -5.36 -22.03 28.82
N VAL B 177 -4.07 -22.26 28.64
CA VAL B 177 -3.12 -21.38 27.98
C VAL B 177 -2.58 -22.07 26.72
N HIS B 178 -2.66 -21.43 25.57
N HIS B 178 -2.70 -21.43 25.57
CA HIS B 178 -2.10 -22.00 24.36
CA HIS B 178 -2.07 -21.96 24.37
C HIS B 178 -0.65 -21.59 24.27
C HIS B 178 -0.59 -21.66 24.48
N SER B 179 0.25 -22.54 23.93
CA SER B 179 1.70 -22.34 23.98
C SER B 179 2.10 -20.88 23.71
N SER B 180 1.48 -20.29 22.68
CA SER B 180 1.64 -18.90 22.27
C SER B 180 1.46 -17.80 23.32
N GLU B 181 0.78 -18.10 24.40
CA GLU B 181 0.53 -17.16 25.46
C GLU B 181 1.27 -17.58 26.71
N TYR B 182 1.98 -18.71 26.66
CA TYR B 182 2.69 -19.24 27.81
C TYR B 182 3.36 -18.18 28.69
N LEU B 183 4.13 -17.27 28.11
CA LEU B 183 4.93 -16.37 28.97
C LEU B 183 4.11 -15.45 29.85
N LEU B 184 3.07 -14.81 29.27
CA LEU B 184 2.13 -13.97 30.06
C LEU B 184 1.56 -14.79 31.21
N ASN B 185 1.08 -16.00 30.95
CA ASN B 185 0.50 -16.82 32.02
C ASN B 185 1.49 -17.70 32.81
N LYS B 186 2.77 -17.42 32.73
CA LYS B 186 3.67 -18.35 33.35
C LYS B 186 3.52 -18.29 34.86
N GLU B 187 3.35 -17.11 35.43
CA GLU B 187 3.21 -17.01 36.90
C GLU B 187 1.97 -17.68 37.43
N LYS B 188 0.86 -17.38 36.76
CA LYS B 188 -0.46 -17.95 37.04
C LYS B 188 -0.42 -19.50 37.04
N LEU B 189 0.44 -20.06 36.17
CA LEU B 189 0.61 -21.51 36.07
C LEU B 189 1.48 -22.08 37.16
N GLN B 190 2.58 -21.39 37.45
CA GLN B 190 3.53 -21.95 38.40
C GLN B 190 2.91 -22.02 39.82
N LYS B 191 1.98 -21.10 40.11
CA LYS B 191 1.26 -21.12 41.38
C LYS B 191 0.25 -22.25 41.51
N LYS B 192 -0.20 -22.84 40.40
CA LYS B 192 -1.04 -24.07 40.47
C LYS B 192 -0.23 -25.24 41.10
N ARG B 193 -0.87 -26.36 41.37
CA ARG B 193 -0.14 -27.47 42.03
C ARG B 193 0.19 -28.57 41.06
N SER B 194 -0.44 -28.52 39.88
CA SER B 194 -0.21 -29.49 38.82
C SER B 194 -0.39 -28.80 37.47
N ILE B 195 0.49 -29.10 36.51
CA ILE B 195 0.50 -28.50 35.16
C ILE B 195 0.64 -29.62 34.19
N THR B 196 0.08 -29.45 33.01
CA THR B 196 0.25 -30.44 32.00
C THR B 196 0.49 -29.83 30.64
N VAL B 197 1.46 -30.35 29.90
CA VAL B 197 1.61 -29.85 28.56
C VAL B 197 1.10 -30.91 27.59
N LEU B 198 0.33 -30.40 26.63
CA LEU B 198 -0.38 -31.22 25.73
C LEU B 198 0.23 -31.00 24.35
N GLY B 199 0.90 -32.02 23.83
CA GLY B 199 1.62 -31.99 22.53
C GLY B 199 3.15 -32.11 22.62
N SER B 200 3.81 -32.52 21.51
CA SER B 200 5.28 -32.82 21.42
C SER B 200 6.11 -32.01 20.43
N GLY B 201 5.70 -30.81 20.09
CA GLY B 201 6.51 -30.03 19.19
C GLY B 201 7.64 -29.31 19.89
N GLN B 202 8.38 -28.52 19.15
CA GLN B 202 9.48 -27.81 19.76
C GLN B 202 8.91 -26.90 20.85
N SER B 203 7.77 -26.24 20.59
CA SER B 203 7.10 -25.32 21.58
C SER B 203 6.80 -26.05 22.87
N ALA B 204 6.20 -27.23 22.70
CA ALA B 204 5.84 -28.04 23.82
C ALA B 204 7.07 -28.38 24.66
N ALA B 205 8.13 -28.81 23.99
CA ALA B 205 9.36 -29.16 24.65
C ALA B 205 10.04 -27.98 25.33
N GLU B 206 10.02 -26.79 24.74
CA GLU B 206 10.79 -25.69 25.34
C GLU B 206 10.10 -25.36 26.69
N ILE B 207 8.78 -25.47 26.68
CA ILE B 207 8.00 -25.08 27.83
C ILE B 207 8.17 -26.13 28.89
N TYR B 208 8.15 -27.40 28.47
CA TYR B 208 8.23 -28.47 29.42
C TYR B 208 9.56 -28.40 30.17
N TYR B 209 10.59 -28.03 29.42
CA TYR B 209 11.89 -27.80 29.97
C TYR B 209 11.88 -26.63 30.92
N ASP B 210 11.18 -25.58 30.53
CA ASP B 210 11.16 -24.36 31.36
C ASP B 210 10.59 -24.62 32.73
N LEU B 211 9.47 -25.35 32.74
CA LEU B 211 8.73 -25.64 33.96
C LEU B 211 9.45 -26.65 34.82
N LEU B 212 10.23 -27.52 34.19
CA LEU B 212 11.02 -28.52 34.92
C LEU B 212 12.16 -27.83 35.72
N THR B 213 12.73 -26.80 35.12
CA THR B 213 13.75 -26.07 35.79
C THR B 213 13.30 -25.67 37.20
N ASP B 214 12.00 -25.41 37.38
CA ASP B 214 11.49 -24.91 38.64
C ASP B 214 10.56 -25.89 39.36
N ILE B 215 10.70 -27.17 39.14
CA ILE B 215 9.68 -28.09 39.64
C ILE B 215 9.77 -28.33 41.14
N ASP B 216 10.93 -28.03 41.72
CA ASP B 216 11.18 -28.11 43.15
C ASP B 216 11.38 -26.68 43.73
N ARG B 217 11.28 -25.62 42.92
CA ARG B 217 11.10 -24.23 43.42
C ARG B 217 9.65 -23.99 43.84
N PHE B 218 8.70 -24.42 43.01
CA PHE B 218 7.27 -24.43 43.29
C PHE B 218 7.05 -25.89 43.57
N GLY B 219 5.83 -26.34 43.80
CA GLY B 219 5.70 -27.74 44.18
C GLY B 219 5.06 -28.60 43.13
N TYR B 220 5.00 -28.12 41.88
CA TYR B 220 4.01 -28.71 40.96
C TYR B 220 4.36 -30.08 40.48
N GLN B 221 3.32 -30.74 40.01
CA GLN B 221 3.45 -31.93 39.21
C GLN B 221 3.51 -31.44 37.78
N LEU B 222 4.39 -32.03 36.99
CA LEU B 222 4.59 -31.62 35.60
C LEU B 222 4.33 -32.80 34.68
N ASN B 223 3.33 -32.71 33.84
CA ASN B 223 2.95 -33.86 33.05
C ASN B 223 3.19 -33.51 31.64
N TRP B 224 3.45 -34.52 30.80
CA TRP B 224 3.59 -34.29 29.36
C TRP B 224 2.85 -35.40 28.60
N ILE B 225 1.80 -35.01 27.87
CA ILE B 225 0.99 -35.98 27.14
C ILE B 225 0.96 -35.55 25.69
N THR B 226 1.00 -36.52 24.79
CA THR B 226 0.90 -36.25 23.37
C THR B 226 0.35 -37.40 22.56
N ARG B 227 -0.24 -37.06 21.41
CA ARG B 227 -0.78 -38.01 20.45
C ARG B 227 0.35 -38.64 19.64
N ALA B 228 1.48 -37.93 19.53
CA ALA B 228 2.65 -38.45 18.83
C ALA B 228 3.21 -39.75 19.48
N PRO B 229 3.67 -40.73 18.65
CA PRO B 229 4.19 -42.03 19.16
C PRO B 229 5.39 -41.94 20.11
N ARG B 230 6.21 -40.92 19.89
CA ARG B 230 7.41 -40.71 20.62
C ARG B 230 7.73 -39.23 20.76
N PHE B 231 8.61 -38.92 21.69
CA PHE B 231 9.16 -37.59 21.77
C PHE B 231 10.28 -37.51 20.78
N TYR B 232 9.92 -37.29 19.50
CA TYR B 232 10.91 -37.46 18.44
C TYR B 232 11.69 -36.23 18.13
N PRO B 233 12.91 -36.45 17.67
CA PRO B 233 13.74 -35.36 17.23
C PRO B 233 13.44 -34.95 15.79
N LEU B 234 13.56 -33.65 15.54
CA LEU B 234 13.70 -33.10 14.22
C LEU B 234 14.99 -33.70 13.64
N GLU B 235 14.84 -34.45 12.56
CA GLU B 235 15.95 -35.06 11.88
C GLU B 235 16.84 -34.02 11.20
N TYR B 236 18.06 -33.84 11.69
CA TYR B 236 18.94 -32.72 11.28
C TYR B 236 20.33 -33.19 10.72
N THR B 237 20.41 -34.47 10.40
CA THR B 237 21.60 -35.01 9.81
C THR B 237 21.74 -34.59 8.35
N LYS B 238 22.98 -34.28 7.99
CA LYS B 238 23.23 -33.48 6.80
C LYS B 238 22.70 -34.07 5.52
N LEU B 239 22.70 -35.39 5.36
CA LEU B 239 22.08 -35.96 4.15
C LEU B 239 20.58 -35.70 4.10
N THR B 240 19.87 -35.79 5.22
CA THR B 240 18.45 -35.36 5.25
C THR B 240 18.23 -33.86 5.06
N LEU B 241 19.13 -33.01 5.54
CA LEU B 241 19.02 -31.57 5.29
C LEU B 241 19.06 -31.17 3.81
N GLU B 242 19.55 -32.05 2.93
CA GLU B 242 19.47 -31.83 1.46
C GLU B 242 18.07 -31.90 0.91
N MET B 243 17.17 -32.51 1.67
CA MET B 243 15.78 -32.56 1.26
C MET B 243 15.20 -31.15 1.24
N THR B 244 15.82 -30.24 1.99
CA THR B 244 15.45 -28.86 2.02
C THR B 244 16.17 -28.14 0.92
N SER B 245 15.67 -28.32 -0.27
CA SER B 245 16.38 -27.83 -1.45
C SER B 245 15.40 -27.64 -2.61
N PRO B 246 15.80 -26.79 -3.56
CA PRO B 246 14.98 -26.58 -4.75
C PRO B 246 14.63 -27.88 -5.44
N GLU B 247 15.64 -28.74 -5.63
CA GLU B 247 15.52 -30.08 -6.21
C GLU B 247 14.41 -30.88 -5.62
N TRP B 248 14.41 -30.95 -4.29
CA TRP B 248 13.46 -31.76 -3.61
C TRP B 248 12.09 -31.13 -3.77
N ILE B 249 11.99 -29.80 -3.71
CA ILE B 249 10.70 -29.16 -3.82
C ILE B 249 10.08 -29.46 -5.18
N ASP B 250 10.86 -29.33 -6.26
CA ASP B 250 10.42 -29.76 -7.61
C ASP B 250 9.82 -31.15 -7.57
N TYR B 251 10.60 -32.09 -7.05
CA TYR B 251 10.19 -33.50 -6.95
C TYR B 251 8.86 -33.62 -6.21
N PHE B 252 8.76 -32.91 -5.10
CA PHE B 252 7.61 -33.04 -4.23
C PHE B 252 6.39 -32.42 -4.87
N HIS B 253 6.56 -31.20 -5.39
CA HIS B 253 5.47 -30.52 -6.09
C HIS B 253 4.87 -31.38 -7.23
N SER B 254 5.74 -32.08 -7.96
CA SER B 254 5.34 -32.92 -9.08
C SER B 254 4.60 -34.23 -8.69
N LEU B 255 4.67 -34.64 -7.43
CA LEU B 255 3.86 -35.77 -6.98
C LEU B 255 2.36 -35.44 -7.01
N PRO B 256 1.52 -36.47 -7.18
CA PRO B 256 0.05 -36.45 -6.95
C PRO B 256 -0.39 -35.80 -5.64
N ALA B 257 -1.52 -35.11 -5.63
CA ALA B 257 -1.88 -34.28 -4.45
C ALA B 257 -2.27 -35.04 -3.18
N ALA B 258 -2.56 -36.34 -3.32
CA ALA B 258 -2.95 -37.18 -2.21
C ALA B 258 -1.67 -37.66 -1.59
N LYS B 259 -0.79 -38.13 -2.47
CA LYS B 259 0.57 -38.49 -2.14
C LYS B 259 1.31 -37.40 -1.33
N ARG B 260 1.10 -36.13 -1.67
CA ARG B 260 1.75 -35.06 -0.90
C ARG B 260 1.19 -35.01 0.52
N ASP B 261 -0.13 -34.92 0.64
CA ASP B 261 -0.81 -34.85 1.95
C ASP B 261 -0.45 -36.05 2.80
N GLU B 262 -0.41 -37.20 2.12
CA GLU B 262 -0.02 -38.47 2.70
C GLU B 262 1.37 -38.33 3.33
N LEU B 263 2.33 -37.85 2.51
CA LEU B 263 3.71 -37.58 2.97
C LEU B 263 3.81 -36.56 4.05
N ASN B 264 3.08 -35.45 3.92
CA ASN B 264 3.18 -34.38 4.92
C ASN B 264 2.78 -34.84 6.33
N ALA B 265 1.81 -35.76 6.43
CA ALA B 265 1.49 -36.37 7.73
C ALA B 265 2.52 -37.45 8.13
N SER B 266 3.13 -38.16 7.16
CA SER B 266 4.18 -39.16 7.45
C SER B 266 5.59 -38.59 7.76
N GLN B 267 5.92 -37.42 7.21
CA GLN B 267 7.20 -36.72 7.44
C GLN B 267 7.18 -35.66 8.58
N LYS B 268 6.39 -35.84 9.63
CA LYS B 268 6.34 -34.77 10.65
C LYS B 268 7.72 -34.54 11.37
N ASN B 269 8.54 -35.59 11.44
CA ASN B 269 9.90 -35.51 12.01
C ASN B 269 10.94 -34.70 11.20
N LEU B 270 10.59 -34.26 9.99
CA LEU B 270 11.43 -33.35 9.21
C LEU B 270 11.27 -31.87 9.54
N TYR B 271 10.11 -31.49 10.03
CA TYR B 271 9.83 -30.07 10.34
C TYR B 271 9.14 -29.80 11.68
N LYS B 272 8.49 -30.80 12.29
CA LYS B 272 7.72 -30.57 13.50
C LYS B 272 8.39 -31.03 14.79
N GLY B 273 9.39 -31.90 14.72
CA GLY B 273 10.01 -32.46 15.93
C GLY B 273 10.90 -31.53 16.79
N ILE B 274 11.38 -32.10 17.90
CA ILE B 274 12.11 -31.36 18.90
C ILE B 274 13.58 -31.39 18.59
N ASN B 275 14.27 -30.28 18.73
CA ASN B 275 15.73 -30.24 18.58
C ASN B 275 16.30 -31.34 19.50
N SER B 276 17.13 -32.22 18.99
CA SER B 276 17.61 -33.36 19.76
C SER B 276 18.44 -32.98 20.99
N SER B 277 19.17 -31.88 21.00
CA SER B 277 19.80 -31.43 22.27
C SER B 277 18.84 -31.19 23.43
N LEU B 278 17.66 -30.71 23.09
CA LEU B 278 16.64 -30.43 24.06
C LEU B 278 15.98 -31.66 24.62
N ILE B 279 15.72 -32.64 23.78
CA ILE B 279 15.21 -33.88 24.32
C ILE B 279 16.21 -34.34 25.36
N ASN B 280 17.42 -34.51 24.94
CA ASN B 280 18.41 -34.97 25.83
C ASN B 280 18.56 -34.09 27.04
N ALA B 281 18.38 -32.79 26.88
CA ALA B 281 18.54 -31.90 28.06
C ALA B 281 17.45 -32.15 29.05
N ILE B 282 16.25 -32.35 28.51
CA ILE B 282 15.11 -32.63 29.31
C ILE B 282 15.35 -33.91 30.08
N TYR B 283 15.74 -34.97 29.38
CA TYR B 283 16.08 -36.23 30.06
C TYR B 283 17.15 -36.05 31.14
N ASP B 284 18.24 -35.37 30.82
CA ASP B 284 19.28 -35.14 31.79
C ASP B 284 18.71 -34.39 32.95
N LEU B 285 17.84 -33.43 32.70
CA LEU B 285 17.23 -32.72 33.84
C LEU B 285 16.27 -33.61 34.68
N LEU B 286 15.52 -34.51 34.07
CA LEU B 286 14.72 -35.40 34.87
C LEU B 286 15.66 -36.25 35.75
N TYR B 287 16.72 -36.76 35.18
CA TYR B 287 17.71 -37.52 35.92
C TYR B 287 18.27 -36.71 37.10
N VAL B 288 18.65 -35.45 36.87
CA VAL B 288 19.22 -34.68 37.96
C VAL B 288 18.19 -34.38 39.05
N LYS B 289 17.01 -33.94 38.64
CA LYS B 289 15.98 -33.66 39.60
C LYS B 289 15.67 -34.89 40.42
N GLN B 290 15.69 -36.09 39.84
N GLN B 290 15.68 -36.05 39.85
CA GLN B 290 15.34 -37.34 40.57
CA GLN B 290 15.31 -37.22 40.61
C GLN B 290 16.31 -37.69 41.66
C GLN B 290 16.27 -37.60 41.69
N LEU B 291 17.49 -37.13 41.61
CA LEU B 291 18.46 -37.42 42.64
C LEU B 291 18.01 -37.04 44.03
N ASP B 292 17.29 -35.92 44.17
CA ASP B 292 16.69 -35.50 45.47
C ASP B 292 15.55 -36.38 45.99
N GLY B 293 14.67 -36.84 45.15
CA GLY B 293 13.63 -37.73 45.61
C GLY B 293 12.86 -38.06 44.37
N LYS B 294 11.88 -38.96 44.43
CA LYS B 294 11.10 -39.24 43.22
C LYS B 294 10.38 -37.94 42.79
N LEU B 295 10.23 -37.80 41.47
CA LEU B 295 9.68 -36.61 40.86
C LEU B 295 8.27 -36.86 40.56
N ASP B 296 7.47 -35.82 40.76
CA ASP B 296 6.14 -35.94 40.37
C ASP B 296 6.03 -35.47 38.93
N VAL B 297 6.28 -36.41 38.02
CA VAL B 297 6.17 -36.19 36.58
C VAL B 297 5.50 -37.36 35.95
N ASN B 298 4.69 -37.12 34.94
CA ASN B 298 4.12 -38.19 34.14
C ASN B 298 4.27 -37.83 32.69
N LEU B 299 4.52 -38.82 31.86
CA LEU B 299 4.85 -38.58 30.47
C LEU B 299 4.15 -39.61 29.64
N PHE B 300 3.14 -39.21 28.88
CA PHE B 300 2.42 -40.17 28.02
C PHE B 300 2.56 -39.91 26.52
N THR B 301 2.38 -40.97 25.76
CA THR B 301 2.71 -41.03 24.33
C THR B 301 1.53 -41.71 23.67
N HIS B 302 1.42 -41.60 22.34
CA HIS B 302 0.28 -42.14 21.59
C HIS B 302 -1.09 -41.79 22.18
N SER B 303 -1.27 -40.61 22.78
CA SER B 303 -2.48 -40.35 23.57
C SER B 303 -3.26 -39.15 23.10
N GLU B 304 -4.26 -39.38 22.25
CA GLU B 304 -5.10 -38.29 21.75
C GLU B 304 -6.10 -37.78 22.76
N LEU B 305 -6.21 -36.46 22.84
CA LEU B 305 -7.17 -35.84 23.72
C LEU B 305 -8.47 -35.92 22.97
N THR B 306 -9.38 -36.74 23.46
CA THR B 306 -10.69 -37.00 22.84
C THR B 306 -11.74 -36.09 23.45
N ASP B 307 -11.66 -35.88 24.75
CA ASP B 307 -12.51 -34.90 25.40
C ASP B 307 -11.93 -34.37 26.71
N MET B 308 -12.45 -33.25 27.15
CA MET B 308 -12.10 -32.69 28.45
C MET B 308 -13.31 -32.05 29.14
N ARG B 309 -13.14 -31.85 30.43
CA ARG B 309 -14.18 -31.29 31.26
C ARG B 309 -13.59 -30.65 32.52
N TRP B 310 -14.33 -29.71 33.08
CA TRP B 310 -13.88 -28.94 34.25
C TRP B 310 -14.64 -29.40 35.49
N LEU B 311 -13.91 -29.77 36.53
CA LEU B 311 -14.50 -30.31 37.75
C LEU B 311 -14.75 -29.22 38.78
N ALA B 312 -15.50 -29.59 39.82
CA ALA B 312 -15.98 -28.65 40.80
C ALA B 312 -14.83 -27.92 41.55
N GLU B 313 -13.95 -28.72 42.15
CA GLU B 313 -12.88 -28.23 43.06
C GLU B 313 -11.79 -27.33 42.44
N GLY B 314 -11.63 -27.40 41.12
CA GLY B 314 -10.70 -26.52 40.37
C GLY B 314 -9.68 -27.32 39.58
N GLU B 315 -10.16 -28.28 38.79
CA GLU B 315 -9.35 -29.26 38.05
C GLU B 315 -9.90 -29.51 36.65
N PHE B 316 -9.12 -30.21 35.83
CA PHE B 316 -9.54 -30.63 34.49
C PHE B 316 -9.56 -32.10 34.60
N GLU B 317 -10.32 -32.72 33.74
CA GLU B 317 -10.19 -34.15 33.58
C GLU B 317 -10.07 -34.39 32.08
N LEU B 318 -8.96 -34.97 31.66
CA LEU B 318 -8.64 -35.09 30.24
C LEU B 318 -8.91 -36.51 29.86
N LYS B 319 -9.91 -36.73 29.01
CA LYS B 319 -10.14 -38.07 28.49
C LYS B 319 -9.16 -38.18 27.37
N LEU B 320 -8.35 -39.24 27.39
CA LEU B 320 -7.40 -39.51 26.31
C LEU B 320 -7.66 -40.90 25.79
N HIS B 321 -7.05 -41.21 24.65
CA HIS B 321 -7.23 -42.49 23.98
C HIS B 321 -5.91 -42.91 23.37
N GLN B 322 -5.39 -43.99 23.95
CA GLN B 322 -4.09 -44.57 23.61
C GLN B 322 -4.22 -45.36 22.29
N GLN B 323 -3.98 -44.68 21.16
CA GLN B 323 -4.23 -45.24 19.81
C GLN B 323 -3.39 -46.46 19.39
N GLU B 324 -2.38 -46.83 20.17
CA GLU B 324 -1.57 -47.96 19.77
C GLU B 324 -2.08 -49.22 20.46
N GLN B 325 -2.32 -49.16 21.78
CA GLN B 325 -2.98 -50.27 22.49
C GLN B 325 -4.52 -50.11 22.63
N ASP B 326 -5.13 -49.32 21.74
CA ASP B 326 -6.58 -49.09 21.72
C ASP B 326 -7.27 -49.11 23.10
N ARG B 327 -6.86 -48.21 24.00
CA ARG B 327 -7.53 -48.08 25.30
C ARG B 327 -7.70 -46.62 25.63
N ALA B 328 -8.81 -46.29 26.28
CA ALA B 328 -9.05 -44.93 26.69
C ALA B 328 -8.70 -44.83 28.17
N TYR B 329 -8.52 -43.61 28.65
CA TYR B 329 -8.09 -43.36 30.02
C TYR B 329 -8.22 -41.90 30.31
N SER B 330 -8.12 -41.61 31.60
CA SER B 330 -8.47 -40.34 32.11
C SER B 330 -7.32 -39.88 33.02
N ARG B 331 -7.03 -38.58 32.97
CA ARG B 331 -5.90 -37.99 33.66
C ARG B 331 -6.37 -36.59 34.10
N ARG B 332 -5.79 -35.99 35.14
CA ARG B 332 -6.28 -34.67 35.58
C ARG B 332 -5.18 -33.73 35.93
N THR B 333 -5.47 -32.42 35.87
CA THR B 333 -4.45 -31.40 35.97
C THR B 333 -5.04 -30.02 36.25
N GLU B 334 -4.49 -29.33 37.23
CA GLU B 334 -4.99 -28.03 37.57
C GLU B 334 -4.72 -27.05 36.41
N GLY B 335 -3.45 -26.88 36.04
CA GLY B 335 -3.03 -26.03 34.89
C GLY B 335 -2.87 -26.85 33.62
N LEU B 336 -3.01 -26.18 32.48
CA LEU B 336 -2.92 -26.88 31.20
C LEU B 336 -2.32 -25.99 30.10
N VAL B 337 -1.38 -26.54 29.33
CA VAL B 337 -0.67 -25.80 28.31
C VAL B 337 -0.86 -26.57 27.02
N MET B 338 -1.52 -25.90 26.09
CA MET B 338 -1.98 -26.54 24.88
C MET B 338 -0.99 -26.18 23.78
N ALA B 339 0.00 -27.04 23.60
CA ALA B 339 1.11 -26.82 22.68
C ALA B 339 0.85 -27.59 21.42
N THR B 340 -0.32 -27.30 20.86
CA THR B 340 -0.91 -28.00 19.74
C THR B 340 -0.69 -27.31 18.42
N GLY B 341 0.04 -26.21 18.46
CA GLY B 341 0.55 -25.63 17.22
C GLY B 341 -0.37 -24.66 16.51
N TYR B 342 -0.36 -24.67 15.18
CA TYR B 342 -0.93 -23.58 14.42
C TYR B 342 -1.54 -24.09 13.13
N HIS B 343 -2.52 -23.37 12.57
CA HIS B 343 -3.27 -23.78 11.39
C HIS B 343 -3.47 -22.53 10.53
N TYR B 344 -3.24 -22.62 9.21
CA TYR B 344 -3.64 -21.56 8.25
C TYR B 344 -5.09 -21.71 7.90
N GLN B 345 -5.71 -20.57 7.69
CA GLN B 345 -7.03 -20.49 7.16
C GLN B 345 -7.03 -19.18 6.37
N PRO B 346 -7.51 -19.27 5.11
CA PRO B 346 -7.49 -18.09 4.25
C PRO B 346 -8.21 -16.99 5.02
N PRO B 347 -7.56 -15.83 5.19
CA PRO B 347 -8.25 -14.74 5.92
C PRO B 347 -9.56 -14.21 5.29
N ALA B 348 -10.24 -13.39 6.08
CA ALA B 348 -11.54 -12.88 5.69
C ALA B 348 -11.45 -12.20 4.33
N PHE B 349 -10.42 -11.39 4.16
CA PHE B 349 -10.38 -10.58 2.98
C PHE B 349 -10.28 -11.32 1.68
N VAL B 350 -9.86 -12.57 1.73
CA VAL B 350 -9.64 -13.31 0.52
C VAL B 350 -10.96 -13.52 -0.21
N GLU B 351 -12.11 -13.47 0.48
CA GLU B 351 -13.43 -13.64 -0.19
C GLU B 351 -13.58 -12.79 -1.46
N GLY B 352 -13.14 -11.55 -1.37
CA GLY B 352 -13.21 -10.62 -2.47
C GLY B 352 -12.50 -11.03 -3.73
N ILE B 353 -11.43 -11.79 -3.62
CA ILE B 353 -10.71 -12.28 -4.81
C ILE B 353 -11.00 -13.77 -4.92
N GLN B 354 -11.89 -14.29 -4.06
CA GLN B 354 -11.96 -15.74 -3.75
C GLN B 354 -12.22 -16.50 -5.00
N GLN B 355 -13.10 -15.96 -5.76
CA GLN B 355 -13.42 -16.56 -7.00
C GLN B 355 -12.28 -16.62 -8.04
N ARG B 356 -11.39 -15.64 -8.06
CA ARG B 356 -10.18 -15.63 -8.99
C ARG B 356 -8.97 -16.52 -8.66
N ILE B 357 -8.94 -17.00 -7.42
CA ILE B 357 -7.95 -17.93 -6.90
C ILE B 357 -8.31 -19.37 -7.29
N GLN B 358 -7.33 -20.18 -7.70
CA GLN B 358 -7.58 -21.61 -8.00
C GLN B 358 -7.66 -22.39 -6.71
N TRP B 359 -8.61 -23.33 -6.63
CA TRP B 359 -8.80 -24.15 -5.43
C TRP B 359 -8.68 -25.63 -5.80
N ASP B 360 -8.30 -26.43 -4.83
CA ASP B 360 -8.07 -27.85 -5.05
C ASP B 360 -9.26 -28.59 -4.49
N GLU B 361 -9.18 -29.92 -4.55
CA GLU B 361 -10.27 -30.78 -4.07
C GLU B 361 -10.68 -30.44 -2.62
N LYS B 362 -9.71 -30.16 -1.76
CA LYS B 362 -10.01 -29.84 -0.35
C LYS B 362 -10.33 -28.35 -0.04
N ASP B 363 -10.49 -27.54 -1.10
CA ASP B 363 -10.73 -26.08 -1.01
C ASP B 363 -9.65 -25.36 -0.27
N ARG B 364 -8.43 -25.57 -0.73
CA ARG B 364 -7.23 -24.89 -0.26
C ARG B 364 -6.59 -24.34 -1.49
N TYR B 365 -5.74 -23.38 -1.28
CA TYR B 365 -5.15 -22.75 -2.43
C TYR B 365 -4.44 -23.82 -3.29
N ASP B 366 -4.61 -23.76 -4.61
CA ASP B 366 -3.97 -24.76 -5.46
C ASP B 366 -2.71 -24.13 -5.97
N VAL B 367 -1.75 -24.10 -5.06
CA VAL B 367 -0.55 -23.33 -5.29
C VAL B 367 0.28 -23.96 -6.41
N GLN B 368 0.87 -23.10 -7.21
CA GLN B 368 1.68 -23.53 -8.34
C GLN B 368 3.10 -23.47 -7.93
N ARG B 369 3.97 -23.97 -8.77
CA ARG B 369 5.32 -24.10 -8.35
C ARG B 369 5.89 -22.74 -7.95
N ASN B 370 5.45 -21.65 -8.59
CA ASN B 370 5.96 -20.30 -8.26
C ASN B 370 5.18 -19.65 -7.15
N TYR B 371 4.46 -20.42 -6.36
CA TYR B 371 3.77 -19.92 -5.17
C TYR B 371 2.56 -19.01 -5.46
N SER B 372 2.09 -19.07 -6.71
CA SER B 372 0.93 -18.31 -7.15
C SER B 372 -0.35 -19.10 -6.90
N ILE B 373 -1.42 -18.39 -6.58
CA ILE B 373 -2.73 -19.00 -6.40
C ILE B 373 -3.76 -18.53 -7.41
N ASP B 374 -3.51 -17.40 -8.08
CA ASP B 374 -4.43 -16.88 -9.11
C ASP B 374 -4.25 -17.73 -10.37
N ARG B 375 -4.68 -17.23 -11.51
CA ARG B 375 -4.54 -17.97 -12.71
C ARG B 375 -3.55 -17.24 -13.59
N HIS B 376 -2.95 -16.15 -13.12
CA HIS B 376 -2.16 -15.25 -13.99
C HIS B 376 -0.85 -14.74 -13.37
N ASN B 377 -0.37 -15.38 -12.30
CA ASN B 377 0.93 -15.07 -11.68
C ASN B 377 1.06 -13.66 -11.14
N GLN B 378 0.03 -13.28 -10.38
CA GLN B 378 -0.05 -12.01 -9.67
C GLN B 378 -0.42 -12.11 -8.18
N VAL B 379 -0.91 -13.26 -7.73
CA VAL B 379 -1.30 -13.41 -6.34
C VAL B 379 -0.49 -14.55 -5.80
N PHE B 380 0.43 -14.24 -4.90
CA PHE B 380 1.31 -15.22 -4.34
C PHE B 380 1.07 -15.45 -2.87
N VAL B 381 1.53 -16.58 -2.36
CA VAL B 381 1.42 -16.83 -0.93
C VAL B 381 2.77 -17.16 -0.31
N GLN B 382 2.90 -16.87 0.98
CA GLN B 382 4.05 -17.24 1.76
C GLN B 382 3.56 -18.05 2.95
N ASN B 383 3.97 -19.32 3.00
CA ASN B 383 3.67 -20.19 4.14
C ASN B 383 2.18 -20.48 4.15
N ALA B 384 1.66 -20.84 2.99
CA ALA B 384 0.33 -21.46 2.93
C ALA B 384 0.37 -22.69 2.01
N GLU B 385 1.60 -23.16 1.69
CA GLU B 385 1.90 -24.19 0.68
C GLU B 385 2.26 -25.54 1.24
N LEU B 386 2.09 -25.75 2.55
CA LEU B 386 2.54 -27.00 3.12
C LEU B 386 2.03 -28.19 2.29
N HIS B 387 0.78 -28.11 1.84
CA HIS B 387 0.13 -29.19 1.09
C HIS B 387 0.64 -29.41 -0.37
N THR B 388 1.45 -28.49 -0.83
CA THR B 388 1.81 -28.44 -2.25
C THR B 388 3.33 -28.26 -2.51
N HIS B 389 4.07 -27.78 -1.51
CA HIS B 389 5.53 -27.65 -1.58
C HIS B 389 6.26 -28.43 -0.49
N GLY B 390 5.52 -28.92 0.50
CA GLY B 390 6.05 -29.88 1.47
C GLY B 390 6.58 -29.28 2.74
N PHE B 391 7.23 -30.14 3.54
CA PHE B 391 7.77 -29.77 4.86
C PHE B 391 8.71 -28.51 4.94
N VAL B 392 9.24 -28.06 3.79
CA VAL B 392 10.18 -26.91 3.80
C VAL B 392 9.46 -25.58 3.90
N THR B 393 8.13 -25.59 3.88
CA THR B 393 7.34 -24.39 3.69
C THR B 393 7.54 -23.33 4.82
N PRO B 394 7.38 -23.72 6.10
CA PRO B 394 7.66 -22.79 7.21
C PRO B 394 9.12 -22.50 7.58
N ASP B 395 10.10 -22.97 6.80
CA ASP B 395 11.49 -22.93 7.18
C ASP B 395 12.07 -21.59 6.87
N LEU B 396 12.54 -20.88 7.90
CA LEU B 396 13.16 -19.57 7.70
C LEU B 396 14.33 -19.63 6.77
N GLY B 397 14.90 -20.82 6.63
CA GLY B 397 16.02 -21.04 5.76
C GLY B 397 15.69 -21.28 4.33
N MET B 398 14.41 -21.38 4.03
CA MET B 398 14.00 -21.33 2.64
C MET B 398 13.23 -20.06 2.29
N ALA B 399 13.18 -19.13 3.24
CA ALA B 399 12.54 -17.85 2.99
C ALA B 399 13.15 -17.08 1.85
N CYS B 400 14.48 -16.98 1.83
CA CYS B 400 15.16 -16.25 0.79
C CYS B 400 14.95 -16.85 -0.57
N TYR B 401 14.89 -18.18 -0.60
CA TYR B 401 14.66 -18.89 -1.85
C TYR B 401 13.26 -18.52 -2.42
N ARG B 402 12.21 -18.67 -1.62
CA ARG B 402 10.87 -18.27 -2.06
C ARG B 402 10.85 -16.80 -2.50
N ASN B 403 11.32 -15.93 -1.61
CA ASN B 403 11.36 -14.51 -1.93
C ASN B 403 12.08 -14.28 -3.23
N SER B 404 13.10 -15.08 -3.51
CA SER B 404 13.76 -14.95 -4.80
C SER B 404 12.93 -15.42 -5.98
N VAL B 405 12.13 -16.46 -5.83
CA VAL B 405 11.34 -16.84 -7.00
C VAL B 405 10.20 -15.88 -7.19
N LEU B 406 9.71 -15.32 -6.08
CA LEU B 406 8.74 -14.22 -6.13
C LEU B 406 9.31 -13.06 -6.90
N LEU B 407 10.41 -12.48 -6.43
CA LEU B 407 11.01 -11.36 -7.14
C LEU B 407 11.28 -11.66 -8.61
N ARG B 408 11.57 -12.90 -8.93
CA ARG B 408 11.74 -13.23 -10.35
C ARG B 408 10.43 -13.12 -11.14
N GLU B 409 9.33 -13.48 -10.53
CA GLU B 409 8.01 -13.35 -11.16
C GLU B 409 7.48 -11.89 -11.21
N ILE B 410 7.69 -11.16 -10.13
CA ILE B 410 7.27 -9.79 -10.01
C ILE B 410 8.02 -8.85 -10.94
N THR B 411 9.34 -8.84 -10.84
CA THR B 411 10.13 -8.14 -11.85
C THR B 411 10.20 -9.14 -12.95
N GLY B 412 10.73 -8.79 -14.09
CA GLY B 412 10.72 -9.82 -15.15
C GLY B 412 11.83 -10.85 -15.10
N ARG B 413 12.71 -10.74 -14.13
CA ARG B 413 14.11 -11.15 -14.26
C ARG B 413 14.70 -11.65 -12.94
N GLU B 414 15.86 -12.28 -13.01
CA GLU B 414 16.36 -12.99 -11.85
C GLU B 414 17.17 -12.04 -11.00
N VAL B 415 16.46 -11.28 -10.18
CA VAL B 415 17.13 -10.26 -9.37
C VAL B 415 18.23 -10.88 -8.53
N TYR B 416 17.86 -11.95 -7.83
CA TYR B 416 18.73 -12.67 -6.92
C TYR B 416 18.83 -14.09 -7.47
N PRO B 417 20.05 -14.57 -7.77
CA PRO B 417 20.14 -15.88 -8.39
C PRO B 417 19.52 -16.99 -7.55
N VAL B 418 18.85 -17.88 -8.23
CA VAL B 418 18.01 -18.87 -7.60
C VAL B 418 18.58 -20.17 -8.04
N GLU B 419 19.26 -20.86 -7.13
CA GLU B 419 19.88 -22.15 -7.46
C GLU B 419 18.84 -23.15 -7.89
N ARG B 420 19.22 -23.98 -8.87
CA ARG B 420 18.32 -24.93 -9.49
C ARG B 420 18.54 -26.24 -8.80
N GLN B 421 19.78 -26.53 -8.35
CA GLN B 421 20.07 -27.72 -7.55
C GLN B 421 21.30 -27.51 -6.70
N ILE B 422 21.25 -27.87 -5.43
CA ILE B 422 22.44 -27.75 -4.54
C ILE B 422 22.88 -29.03 -3.81
N ALA B 423 22.23 -30.15 -4.11
CA ALA B 423 22.31 -31.38 -3.34
C ALA B 423 23.15 -32.39 -4.08
N PHE B 424 23.82 -33.25 -3.33
CA PHE B 424 24.61 -34.31 -3.91
C PHE B 424 23.74 -35.44 -4.37
N GLN B 425 22.60 -35.63 -3.75
CA GLN B 425 21.75 -36.68 -4.21
C GLN B 425 20.75 -36.25 -5.24
N THR B 426 20.06 -37.24 -5.75
CA THR B 426 19.06 -37.10 -6.78
C THR B 426 17.78 -37.68 -6.25
N PHE B 427 16.73 -36.89 -6.32
CA PHE B 427 15.53 -37.26 -5.61
C PHE B 427 14.57 -38.10 -6.42
N PRO B 428 14.23 -37.65 -7.61
CA PRO B 428 13.35 -38.45 -8.42
C PRO B 428 14.12 -39.54 -9.18
N ALA B 429 13.33 -40.44 -9.76
CA ALA B 429 13.83 -41.49 -10.60
C ALA B 429 14.53 -40.84 -11.72
N GLN B 430 15.66 -41.42 -12.12
CA GLN B 430 16.43 -40.92 -13.23
C GLN B 430 17.27 -42.03 -13.81
N SER B 431 16.82 -42.57 -14.94
CA SER B 431 17.56 -43.60 -15.66
C SER B 431 18.87 -43.08 -16.20
N GLU B 432 19.86 -43.96 -16.26
CA GLU B 432 21.21 -43.61 -16.70
C GLU B 432 21.25 -43.81 -18.21
N MET B 433 21.48 -42.75 -18.99
CA MET B 433 21.27 -42.68 -20.48
C MET B 433 19.88 -42.05 -20.83
PA FAD C . -3.21 14.73 -13.75
O1A FAD C . -4.73 14.74 -13.80
O2A FAD C . -2.66 14.91 -12.35
O5B FAD C . -2.79 13.23 -14.27
C5B FAD C . -1.45 13.07 -14.73
C4B FAD C . -0.83 11.67 -14.60
O4B FAD C . 0.57 11.73 -14.25
C3B FAD C . -1.40 10.73 -13.55
O3B FAD C . -2.21 9.81 -14.31
C2B FAD C . -0.17 10.14 -12.84
O2B FAD C . -0.29 8.74 -12.57
C1B FAD C . 0.93 10.42 -13.86
N9A FAD C . 2.37 10.27 -13.48
C8A FAD C . 3.07 10.91 -12.49
N7A FAD C . 4.37 10.51 -12.46
C5A FAD C . 4.52 9.59 -13.45
C6A FAD C . 5.61 8.73 -13.96
N6A FAD C . 6.84 8.80 -13.40
N1A FAD C . 5.38 7.89 -14.99
C2A FAD C . 4.17 7.81 -15.56
N3A FAD C . 3.10 8.53 -15.14
C4A FAD C . 3.22 9.43 -14.13
N1 FAD C . -9.75 23.31 -14.38
C2 FAD C . -10.81 23.85 -15.04
O2 FAD C . -10.58 24.83 -15.76
N3 FAD C . -12.08 23.38 -14.96
C4 FAD C . -12.43 22.34 -14.19
O4 FAD C . -13.64 21.95 -14.12
C4X FAD C . -11.31 21.66 -13.43
N5 FAD C . -11.57 20.59 -12.63
C5X FAD C . -10.55 20.00 -11.92
C6 FAD C . -10.77 18.90 -11.08
C7 FAD C . -9.69 18.30 -10.38
C7M FAD C . -9.97 17.15 -9.54
C8 FAD C . -8.29 18.78 -10.47
C8M FAD C . -7.08 18.22 -9.77
C9 FAD C . -8.13 19.87 -11.28
C9A FAD C . -9.14 20.51 -12.03
N10 FAD C . -8.83 21.63 -12.85
C10 FAD C . -9.91 22.23 -13.57
C1' FAD C . -7.40 22.08 -12.90
C2' FAD C . -6.45 21.06 -13.59
O2' FAD C . -7.32 20.28 -14.45
C3' FAD C . -5.57 20.09 -12.69
O3' FAD C . -5.07 20.69 -11.46
C4' FAD C . -4.42 19.36 -13.39
O4' FAD C . -3.32 20.22 -13.76
C5' FAD C . -4.94 18.62 -14.62
O5' FAD C . -4.23 17.44 -14.70
P FAD C . -2.86 17.25 -15.49
O1P FAD C . -3.15 16.99 -16.96
O2P FAD C . -1.92 18.38 -15.15
O3P FAD C . -2.42 15.80 -14.79
PA NAP D . -7.85 25.33 -3.71
O1A NAP D . -6.34 25.36 -3.99
O2A NAP D . -8.78 26.50 -4.12
O5B NAP D . -8.19 24.98 -2.17
C5B NAP D . -7.34 25.57 -1.19
C4B NAP D . -8.17 26.20 -0.09
O4B NAP D . -7.44 25.76 1.04
C3B NAP D . -8.21 27.73 -0.16
O3B NAP D . -9.46 28.36 0.29
C2B NAP D . -6.98 28.04 0.68
O2B NAP D . -6.91 29.39 1.19
C1B NAP D . -7.10 26.94 1.73
N9A NAP D . -5.90 26.76 2.59
C8A NAP D . -4.60 26.48 2.30
N7A NAP D . -3.85 26.47 3.46
C5A NAP D . -4.70 26.76 4.46
C6A NAP D . -4.61 26.92 5.90
N6A NAP D . -3.43 26.74 6.45
N1A NAP D . -5.72 27.25 6.63
C2A NAP D . -6.95 27.40 6.05
N3A NAP D . -7.13 27.27 4.71
C4A NAP D . -6.05 26.96 3.90
O3 NAP D . -8.25 23.95 -4.47
PN NAP D . -9.46 22.91 -4.30
O1N NAP D . -8.79 21.57 -4.28
O2N NAP D . -10.42 23.30 -3.12
O5D NAP D . -10.10 23.01 -5.80
C5D NAP D . -9.86 24.09 -6.73
C4D NAP D . -8.57 23.90 -7.54
O4D NAP D . -8.83 22.78 -8.36
C3D NAP D . -8.19 25.11 -8.44
O3D NAP D . -6.79 25.55 -8.41
C2D NAP D . -8.61 24.69 -9.83
O2D NAP D . -7.52 24.74 -10.78
C1D NAP D . -9.14 23.26 -9.67
N1N NAP D . -10.58 23.03 -9.93
C2N NAP D . -11.19 21.95 -9.38
C3N NAP D . -12.54 21.69 -9.67
C7N NAP D . -13.29 20.53 -9.09
O7N NAP D . -14.12 19.95 -9.82
N7N NAP D . -13.02 20.23 -7.82
C4N NAP D . -13.24 22.52 -10.53
C5N NAP D . -12.61 23.62 -11.08
C6N NAP D . -11.27 23.85 -10.79
P2B NAP D . -6.46 30.63 0.25
O1X NAP D . -5.97 31.68 1.25
O2X NAP D . -7.69 31.01 -0.55
O3X NAP D . -5.38 30.03 -0.64
PA FAD E . 3.51 -14.07 11.08
O1A FAD E . 4.69 -13.79 12.00
O2A FAD E . 2.23 -14.58 11.71
O5B FAD E . 3.26 -12.70 10.25
C5B FAD E . 1.94 -12.22 9.88
C4B FAD E . 1.61 -10.82 10.39
O4B FAD E . 0.53 -10.30 9.64
C3B FAD E . 1.14 -10.75 11.87
O3B FAD E . 1.73 -9.50 12.26
C2B FAD E . -0.42 -10.88 11.88
O2B FAD E . -1.14 -10.63 13.16
C1B FAD E . -0.55 -10.00 10.57
N9A FAD E . -1.82 -10.05 9.79
C8A FAD E . -2.70 -11.07 9.61
N7A FAD E . -3.73 -10.64 8.84
C5A FAD E . -3.52 -9.37 8.52
C6A FAD E . -4.23 -8.32 7.79
N6A FAD E . -5.38 -8.54 7.18
N1A FAD E . -3.67 -7.10 7.69
C2A FAD E . -2.50 -6.79 8.25
N3A FAD E . -1.80 -7.69 8.97
C4A FAD E . -2.26 -8.96 9.13
N1 FAD E . 11.07 -21.66 11.36
C2 FAD E . 12.45 -21.75 11.34
O2 FAD E . 13.01 -21.98 10.25
N3 FAD E . 13.22 -21.60 12.44
C4 FAD E . 12.69 -21.34 13.66
O4 FAD E . 13.45 -21.23 14.65
C4X FAD E . 11.20 -21.23 13.79
N5 FAD E . 10.61 -20.96 14.99
C5X FAD E . 9.25 -20.87 15.09
C6 FAD E . 8.59 -20.61 16.31
C7 FAD E . 7.18 -20.51 16.41
C7M FAD E . 6.55 -20.27 17.73
C8 FAD E . 6.33 -20.68 15.20
C8M FAD E . 4.81 -20.62 15.11
C9 FAD E . 6.99 -20.93 14.04
C9A FAD E . 8.37 -21.03 13.87
N10 FAD E . 8.94 -21.31 12.58
C10 FAD E . 10.38 -21.41 12.52
C1' FAD E . 7.99 -21.41 11.41
C2' FAD E . 7.35 -19.99 11.05
O2' FAD E . 8.27 -18.92 11.35
C3' FAD E . 5.98 -19.58 11.70
O3' FAD E . 5.06 -20.70 11.65
C4' FAD E . 5.16 -18.40 11.14
O4' FAD E . 4.87 -18.66 9.76
C5' FAD E . 5.80 -17.01 11.30
O5' FAD E . 5.96 -16.38 10.02
P FAD E . 4.89 -15.73 8.95
O1P FAD E . 5.68 -14.64 8.25
O2P FAD E . 4.25 -16.80 8.08
O3P FAD E . 3.67 -15.15 9.84
PA NAP F . 3.51 -28.52 16.34
O1A NAP F . 4.90 -29.09 16.08
O2A NAP F . 2.47 -28.51 15.23
O5B NAP F . 2.90 -29.29 17.60
C5B NAP F . 1.80 -30.21 17.49
C4B NAP F . 1.98 -31.24 18.61
O4B NAP F . 0.73 -31.24 19.30
C3B NAP F . 2.29 -32.65 18.08
O3B NAP F . 3.13 -33.52 18.89
C2B NAP F . 0.87 -33.13 17.96
O2B NAP F . 0.84 -34.53 17.69
C1B NAP F . 0.21 -32.55 19.21
N9A NAP F . -1.27 -32.55 19.12
C8A NAP F . -2.11 -31.96 18.22
N7A NAP F . -3.40 -32.30 18.49
C5A NAP F . -3.40 -33.10 19.58
C6A NAP F . -4.37 -33.84 20.43
N6A NAP F . -5.67 -33.76 20.18
N1A NAP F . -3.94 -34.58 21.48
C2A NAP F . -2.61 -34.69 21.79
N3A NAP F . -1.65 -34.06 21.08
C4A NAP F . -1.97 -33.27 19.99
O3 NAP F . 3.55 -27.03 17.04
PN NAP F . 4.74 -26.16 17.75
O1N NAP F . 5.46 -26.99 18.83
O2N NAP F . 4.13 -24.87 18.16
O5D NAP F . 5.58 -25.77 16.42
C5D NAP F . 5.00 -25.52 15.11
C4D NAP F . 6.01 -24.86 14.16
O4D NAP F . 6.68 -23.86 14.93
C3D NAP F . 7.14 -25.76 13.60
O3D NAP F . 7.50 -25.28 12.28
C2D NAP F . 8.21 -25.66 14.71
O2D NAP F . 9.58 -25.93 14.36
C1D NAP F . 8.08 -24.19 15.11
N1N NAP F . 8.63 -23.73 16.44
C2N NAP F . 9.94 -23.37 16.51
C3N NAP F . 10.55 -22.88 17.69
C7N NAP F . 12.01 -22.47 17.76
O7N NAP F . 12.43 -21.91 18.77
N7N NAP F . 12.83 -22.65 16.73
C4N NAP F . 9.75 -22.78 18.83
C5N NAP F . 8.41 -23.13 18.77
C6N NAP F . 7.87 -23.60 17.57
P2B NAP F . 0.93 -35.04 16.15
O1X NAP F . 0.30 -36.44 16.05
O2X NAP F . 0.14 -33.94 15.46
O3X NAP F . 2.44 -35.01 15.85
#